data_4KHR
#
_entry.id   4KHR
#
_cell.length_a   53.353
_cell.length_b   60.740
_cell.length_c   91.985
_cell.angle_alpha   89.320
_cell.angle_beta   86.640
_cell.angle_gamma   80.320
#
_symmetry.space_group_name_H-M   'P 1'
#
loop_
_entity.id
_entity.type
_entity.pdbx_description
1 polymer 'NS5B RNA-dependent RNA polymerase'
2 non-polymer 'SULFATE ION'
3 non-polymer '[4-({[5-cyclopropyl-2-(4-fluorophenyl)-3-(methylcarbamoyl)-1-benzofuran-6-yl](methylsulfonyl)amino}methyl)-2-fluorophenyl]boronic acid'
4 water water
#
_entity_poly.entity_id   1
_entity_poly.type   'polypeptide(L)'
_entity_poly.pdbx_seq_one_letter_code
;MSMSYSWTGALVTPCAAEEQKLPINALSNSLLRHHNLVYSTTSRSACQRQKKVTFDRLQVLDSHYQDVLKEVKAAASKVK
ANLLSVEEACSLTPPHSAKSKYGYGAKDVRSHASRAVAHINSVWKDLLEDSVTPIDTTIMAKNEVFCVQPEKGGRKPARL
IVFPDLGVRVCEKMALYDVVSKLPLAVMGSSYGFQYSPGQRVEFLVQAWKSKKTPMGFSYDTRCFDSTVTESDIRTEEAI
YQCCDLDPQARVAIKSLTERLYVGGPLTNSRGENCGYRRCRASGVLTTSCGNTLTCYIKARAACRAAGLQDCTMLVYGDD
LVVICESAGVQEDAASLRAFTEAMTRYSAPPGDPPQPEYDLELITSCSSNVSVAHDGAGKRVYYLTRDPTTPLARAAWET
ARHTPVNSWLGNIIMFAPTLWARMILMTHFFSVLIARDQLEQALDCEIYGACYSIEPLDLPPIIQRLHGLSAFSLHSYSP
GEINRVAACLRKLGVPPLRAWRHRARSVRARLLSRGGRAAICGKYLFNWAVRTKLKLTPIAAAGQLALSGWFTAGYSGGD
IYHSVSHARPRLEHHHHHH
;
_entity_poly.pdbx_strand_id   A,B
#
loop_
_chem_comp.id
_chem_comp.type
_chem_comp.name
_chem_comp.formula
1PV non-polymer '[4-({[5-cyclopropyl-2-(4-fluorophenyl)-3-(methylcarbamoyl)-1-benzofuran-6-yl](methylsulfonyl)amino}methyl)-2-fluorophenyl]boronic acid' 'C27 H25 B F2 N2 O6 S'
SO4 non-polymer 'SULFATE ION' 'O4 S -2'
#
# COMPACT_ATOMS: atom_id res chain seq x y z
N SER A 2 14.67 24.41 -23.92
CA SER A 2 13.21 24.66 -23.89
C SER A 2 12.81 25.55 -22.72
N MET A 3 11.54 25.97 -22.74
CA MET A 3 11.00 26.83 -21.71
C MET A 3 10.79 25.99 -20.48
N SER A 4 11.23 26.50 -19.34
CA SER A 4 11.08 25.80 -18.05
C SER A 4 9.61 25.51 -17.76
N TYR A 5 8.76 26.47 -18.07
CA TYR A 5 7.30 26.31 -17.98
C TYR A 5 6.58 26.99 -19.12
N SER A 6 5.41 26.45 -19.43
CA SER A 6 4.43 27.10 -20.30
C SER A 6 3.12 27.20 -19.54
N TRP A 7 2.55 28.41 -19.53
CA TRP A 7 1.39 28.73 -18.70
C TRP A 7 0.17 28.94 -19.54
N THR A 8 -0.98 28.52 -19.03
CA THR A 8 -2.24 28.69 -19.76
C THR A 8 -2.95 30.03 -19.48
N GLY A 9 -2.63 30.61 -18.33
CA GLY A 9 -3.33 31.80 -17.82
C GLY A 9 -4.10 31.56 -16.53
N ALA A 10 -4.61 30.34 -16.37
CA ALA A 10 -5.26 29.92 -15.10
C ALA A 10 -4.38 30.19 -13.89
N LEU A 11 -4.98 30.61 -12.79
CA LEU A 11 -4.20 31.02 -11.61
C LEU A 11 -3.84 29.84 -10.74
N VAL A 12 -2.71 29.97 -10.04
CA VAL A 12 -2.41 29.08 -8.92
C VAL A 12 -3.38 29.44 -7.81
N THR A 13 -4.16 28.46 -7.37
CA THR A 13 -5.27 28.69 -6.46
C THR A 13 -5.05 28.03 -5.09
N PRO A 14 -5.61 28.62 -4.03
CA PRO A 14 -5.48 28.05 -2.71
C PRO A 14 -6.49 26.94 -2.45
N CYS A 15 -6.19 26.08 -1.48
CA CYS A 15 -7.15 25.04 -1.03
C CYS A 15 -8.16 25.60 -0.04
N ALA A 16 -7.61 26.29 0.95
CA ALA A 16 -8.40 26.90 2.04
C ALA A 16 -8.01 28.36 2.24
N ALA A 17 -8.63 29.00 3.24
CA ALA A 17 -8.32 30.39 3.59
C ALA A 17 -6.81 30.56 3.83
N GLU A 18 -6.29 31.72 3.46
CA GLU A 18 -4.85 32.03 3.61
C GLU A 18 -4.63 33.33 4.37
N GLU A 19 -4.20 33.21 5.61
CA GLU A 19 -3.88 34.39 6.40
C GLU A 19 -2.57 34.99 5.91
N GLN A 20 -2.57 36.30 5.71
CA GLN A 20 -1.40 37.01 5.19
C GLN A 20 -0.52 37.55 6.29
N LYS A 21 -1.17 38.18 7.27
CA LYS A 21 -0.46 38.86 8.35
C LYS A 21 -0.51 38.04 9.62
N LEU A 22 0.55 38.20 10.41
CA LEU A 22 0.70 37.49 11.67
C LEU A 22 -0.44 37.80 12.61
N PRO A 23 -1.20 36.78 12.98
CA PRO A 23 -2.31 36.94 13.91
C PRO A 23 -1.89 37.50 15.26
N ILE A 24 -2.77 38.31 15.82
CA ILE A 24 -2.56 38.85 17.15
C ILE A 24 -2.97 37.79 18.16
N ASN A 25 -1.98 37.37 18.93
CA ASN A 25 -2.18 36.37 19.98
C ASN A 25 -1.24 36.72 21.10
N ALA A 26 -1.72 36.69 22.33
CA ALA A 26 -0.95 37.17 23.47
C ALA A 26 0.39 36.46 23.58
N LEU A 27 0.37 35.13 23.44
CA LEU A 27 1.60 34.33 23.59
C LEU A 27 2.61 34.56 22.46
N SER A 28 2.11 34.70 21.23
CA SER A 28 3.00 34.99 20.09
C SER A 28 3.55 36.40 20.21
N ASN A 29 2.69 37.29 20.68
CA ASN A 29 3.05 38.68 20.95
C ASN A 29 4.17 38.84 21.99
N SER A 30 4.21 37.93 22.97
CA SER A 30 5.24 37.99 24.01
C SER A 30 6.64 37.70 23.50
N LEU A 31 6.70 36.89 22.45
CA LEU A 31 7.92 36.67 21.66
C LEU A 31 8.27 37.83 20.72
N LEU A 32 7.27 38.31 19.99
CA LEU A 32 7.44 39.25 18.88
C LEU A 32 6.25 40.20 18.75
N ARG A 33 6.47 41.50 18.84
CA ARG A 33 5.35 42.47 18.87
C ARG A 33 5.09 43.22 17.57
N HIS A 34 6.09 43.30 16.70
CA HIS A 34 5.95 44.03 15.43
C HIS A 34 5.30 43.13 14.42
N HIS A 35 4.04 42.81 14.68
CA HIS A 35 3.30 41.83 13.89
C HIS A 35 3.08 42.25 12.46
N ASN A 36 3.01 43.57 12.24
CA ASN A 36 2.84 44.14 10.87
C ASN A 36 4.01 43.85 9.92
N LEU A 37 5.18 43.61 10.50
CA LEU A 37 6.40 43.26 9.73
C LEU A 37 6.41 41.81 9.26
N VAL A 38 5.63 40.97 9.93
CA VAL A 38 5.64 39.52 9.66
C VAL A 38 4.50 39.13 8.76
N TYR A 39 4.81 38.38 7.71
CA TYR A 39 3.82 37.97 6.72
C TYR A 39 4.03 36.54 6.24
N SER A 40 2.93 35.95 5.75
CA SER A 40 3.02 34.66 5.10
C SER A 40 2.82 34.87 3.60
N THR A 41 3.67 34.24 2.82
CA THR A 41 3.47 34.17 1.39
C THR A 41 2.16 33.45 1.10
N THR A 42 1.48 33.88 0.06
CA THR A 42 0.23 33.27 -0.36
C THR A 42 0.12 33.17 -1.89
N SER A 43 -0.94 32.47 -2.32
CA SER A 43 -1.22 32.29 -3.76
C SER A 43 -1.42 33.60 -4.49
N ARG A 44 -1.70 34.66 -3.75
CA ARG A 44 -1.90 35.98 -4.34
C ARG A 44 -0.65 36.52 -5.05
N SER A 45 0.52 36.02 -4.68
CA SER A 45 1.79 36.43 -5.30
C SER A 45 2.38 35.38 -6.25
N ALA A 46 1.57 34.39 -6.62
CA ALA A 46 2.03 33.26 -7.42
C ALA A 46 2.46 33.70 -8.82
N CYS A 47 1.72 34.64 -9.40
CA CYS A 47 2.04 35.17 -10.74
C CYS A 47 3.42 35.79 -10.79
N GLN A 48 3.76 36.53 -9.74
CA GLN A 48 5.08 37.18 -9.65
C GLN A 48 6.18 36.13 -9.73
N ARG A 49 5.98 35.02 -9.02
CA ARG A 49 6.95 33.92 -9.00
C ARG A 49 7.02 33.19 -10.33
N GLN A 50 5.84 32.90 -10.87
CA GLN A 50 5.73 32.30 -12.22
C GLN A 50 6.56 33.06 -13.25
N LYS A 51 6.53 34.38 -13.19
CA LYS A 51 7.31 35.22 -14.11
C LYS A 51 8.81 34.92 -13.94
N LYS A 52 9.26 34.85 -12.69
CA LYS A 52 10.70 34.66 -12.40
C LYS A 52 11.23 33.29 -12.80
N VAL A 53 10.41 32.26 -12.61
CA VAL A 53 10.84 30.85 -12.84
C VAL A 53 10.71 30.37 -14.29
N THR A 54 10.12 31.21 -15.14
CA THR A 54 9.85 30.89 -16.54
C THR A 54 10.91 31.50 -17.45
N PHE A 55 11.69 30.63 -18.08
CA PHE A 55 12.69 31.07 -19.08
C PHE A 55 13.23 29.92 -19.91
N ASP A 56 13.85 30.28 -21.02
CA ASP A 56 14.45 29.28 -21.92
C ASP A 56 15.76 28.81 -21.34
N ARG A 57 16.04 27.52 -21.47
CA ARG A 57 17.33 27.01 -21.00
C ARG A 57 18.21 26.69 -22.20
N LEU A 58 19.38 27.31 -22.21
CA LEU A 58 20.43 26.99 -23.17
C LEU A 58 21.51 26.26 -22.41
N GLN A 59 21.83 25.07 -22.88
CA GLN A 59 22.77 24.19 -22.20
C GLN A 59 23.84 23.70 -23.16
N VAL A 60 25.08 23.87 -22.77
CA VAL A 60 26.22 23.41 -23.55
C VAL A 60 27.18 22.64 -22.65
N LEU A 61 27.21 21.33 -22.84
CA LEU A 61 28.10 20.46 -22.07
C LEU A 61 29.49 20.38 -22.73
N ASP A 62 30.51 20.13 -21.92
CA ASP A 62 31.90 20.06 -22.40
C ASP A 62 32.60 18.84 -21.81
N SER A 63 33.89 18.71 -22.11
CA SER A 63 34.66 17.52 -21.75
C SER A 63 34.82 17.35 -20.24
N HIS A 64 34.94 18.45 -19.53
CA HIS A 64 35.06 18.41 -18.06
C HIS A 64 33.82 17.87 -17.44
N TYR A 65 32.67 18.34 -17.93
CA TYR A 65 31.37 17.82 -17.53
C TYR A 65 31.28 16.31 -17.77
N GLN A 66 31.65 15.89 -18.98
CA GLN A 66 31.55 14.47 -19.36
C GLN A 66 32.49 13.62 -18.51
N ASP A 67 33.70 14.14 -18.28
CA ASP A 67 34.69 13.48 -17.43
C ASP A 67 34.13 13.23 -16.03
N VAL A 68 33.49 14.25 -15.48
CA VAL A 68 32.95 14.18 -14.12
C VAL A 68 31.78 13.21 -14.07
N LEU A 69 30.88 13.31 -15.04
CA LEU A 69 29.73 12.40 -15.14
C LEU A 69 30.20 10.95 -15.17
N LYS A 70 31.26 10.70 -15.91
CA LYS A 70 31.88 9.36 -15.95
C LYS A 70 32.32 8.89 -14.58
N GLU A 71 32.96 9.76 -13.83
CA GLU A 71 33.40 9.42 -12.46
C GLU A 71 32.19 9.05 -11.59
N VAL A 72 31.14 9.86 -11.71
CA VAL A 72 29.90 9.70 -10.94
C VAL A 72 29.22 8.37 -11.23
N LYS A 73 29.05 8.08 -12.52
CA LYS A 73 28.45 6.80 -12.94
C LYS A 73 29.28 5.62 -12.41
N ALA A 74 30.59 5.74 -12.52
CA ALA A 74 31.52 4.73 -11.96
C ALA A 74 31.27 4.51 -10.46
N ALA A 75 31.19 5.59 -9.68
CA ALA A 75 30.95 5.49 -8.23
C ALA A 75 29.55 4.93 -7.91
N ALA A 76 28.55 5.34 -8.67
CA ALA A 76 27.17 4.87 -8.47
C ALA A 76 27.07 3.35 -8.67
N SER A 77 27.99 2.81 -9.47
CA SER A 77 27.99 1.38 -9.80
C SER A 77 28.37 0.49 -8.62
N LYS A 78 28.81 1.09 -7.52
CA LYS A 78 29.15 0.34 -6.31
C LYS A 78 27.94 0.20 -5.39
N VAL A 79 26.88 0.92 -5.71
CA VAL A 79 25.66 0.95 -4.87
C VAL A 79 24.71 -0.20 -5.20
N LYS A 80 24.20 -0.83 -4.15
CA LYS A 80 23.10 -1.81 -4.26
C LYS A 80 21.86 -1.28 -3.54
N ALA A 81 20.79 -1.06 -4.29
CA ALA A 81 19.52 -0.53 -3.75
C ALA A 81 18.41 -1.54 -3.90
N ASN A 82 17.57 -1.65 -2.87
CA ASN A 82 16.42 -2.56 -2.91
C ASN A 82 15.09 -1.85 -3.18
N LEU A 83 14.11 -2.63 -3.57
CA LEU A 83 12.72 -2.16 -3.55
C LEU A 83 12.27 -2.06 -2.10
N LEU A 84 11.54 -1.02 -1.81
CA LEU A 84 10.73 -1.02 -0.59
C LEU A 84 9.41 -1.69 -0.89
N SER A 85 8.89 -2.39 0.09
CA SER A 85 7.52 -2.91 0.01
C SER A 85 6.52 -1.79 0.16
N VAL A 86 5.28 -2.10 -0.21
CA VAL A 86 4.17 -1.13 -0.12
C VAL A 86 4.02 -0.64 1.32
N GLU A 87 4.08 -1.57 2.26
CA GLU A 87 3.91 -1.29 3.69
C GLU A 87 5.01 -0.39 4.24
N GLU A 88 6.23 -0.67 3.81
CA GLU A 88 7.40 0.11 4.23
C GLU A 88 7.31 1.55 3.73
N ALA A 89 6.94 1.69 2.45
CA ALA A 89 6.79 3.00 1.80
C ALA A 89 5.67 3.80 2.48
N CYS A 90 4.59 3.10 2.82
CA CYS A 90 3.44 3.70 3.48
C CYS A 90 3.82 4.35 4.83
N SER A 91 4.70 3.68 5.58
CA SER A 91 5.15 4.17 6.89
C SER A 91 6.13 5.34 6.82
N LEU A 92 6.74 5.54 5.65
CA LEU A 92 7.59 6.71 5.41
C LEU A 92 6.77 7.92 5.02
N THR A 93 5.45 7.74 4.91
CA THR A 93 4.53 8.85 4.62
C THR A 93 4.18 9.64 5.90
N PRO A 94 4.30 10.98 5.85
CA PRO A 94 3.87 11.81 6.97
C PRO A 94 2.35 11.84 7.09
N PRO A 95 1.84 11.96 8.33
CA PRO A 95 0.40 11.98 8.59
C PRO A 95 -0.28 13.19 7.94
N HIS A 96 0.48 14.25 7.80
CA HIS A 96 -0.04 15.54 7.28
C HIS A 96 0.02 15.67 5.78
N SER A 97 0.47 14.61 5.12
CA SER A 97 0.72 14.66 3.67
C SER A 97 -0.57 14.86 2.89
N ALA A 98 -0.46 15.55 1.77
CA ALA A 98 -1.63 15.92 0.95
C ALA A 98 -2.40 14.70 0.50
N LYS A 99 -3.71 14.76 0.69
CA LYS A 99 -4.58 13.62 0.43
C LYS A 99 -4.65 13.32 -1.06
N SER A 100 -5.00 12.07 -1.35
CA SER A 100 -5.18 11.61 -2.72
C SER A 100 -6.46 12.21 -3.29
N LYS A 101 -6.50 12.28 -4.61
CA LYS A 101 -7.71 12.69 -5.33
C LYS A 101 -8.70 11.51 -5.41
N TYR A 102 -8.26 10.33 -4.97
CA TYR A 102 -9.02 9.06 -5.13
C TYR A 102 -9.57 8.47 -3.82
N GLY A 103 -9.99 9.36 -2.93
CA GLY A 103 -10.81 8.98 -1.76
C GLY A 103 -10.09 8.40 -0.56
N TYR A 104 -8.82 8.77 -0.40
CA TYR A 104 -8.04 8.39 0.78
C TYR A 104 -7.02 9.46 1.09
N GLY A 105 -6.51 9.43 2.32
CA GLY A 105 -5.52 10.41 2.78
C GLY A 105 -4.33 9.77 3.46
N ALA A 106 -3.51 10.61 4.09
CA ALA A 106 -2.28 10.17 4.73
C ALA A 106 -2.51 9.17 5.87
N LYS A 107 -3.58 9.38 6.62
CA LYS A 107 -3.92 8.47 7.75
C LYS A 107 -4.20 7.06 7.24
N ASP A 108 -4.88 7.01 6.10
CA ASP A 108 -5.26 5.75 5.46
C ASP A 108 -4.05 5.03 4.86
N VAL A 109 -3.12 5.79 4.29
CA VAL A 109 -1.88 5.22 3.81
C VAL A 109 -1.12 4.59 4.97
N ARG A 110 -1.03 5.35 6.06
CA ARG A 110 -0.25 4.96 7.23
C ARG A 110 -0.80 3.73 7.97
N SER A 111 -2.10 3.50 7.86
CA SER A 111 -2.73 2.31 8.48
C SER A 111 -3.10 1.22 7.44
N HIS A 112 -2.56 1.35 6.23
CA HIS A 112 -2.70 0.33 5.15
C HIS A 112 -4.13 0.02 4.76
N ALA A 113 -4.97 1.05 4.75
CA ALA A 113 -6.39 0.95 4.36
C ALA A 113 -6.54 0.42 2.93
N SER A 114 -7.59 -0.37 2.73
CA SER A 114 -7.81 -1.11 1.47
C SER A 114 -7.89 -0.20 0.24
N ARG A 115 -8.57 0.92 0.38
CA ARG A 115 -8.72 1.84 -0.77
C ARG A 115 -7.36 2.48 -1.16
N ALA A 116 -6.55 2.79 -0.16
CA ALA A 116 -5.22 3.40 -0.39
C ALA A 116 -4.28 2.41 -1.08
N VAL A 117 -4.20 1.20 -0.52
CA VAL A 117 -3.33 0.13 -1.03
C VAL A 117 -3.79 -0.35 -2.41
N ALA A 118 -5.10 -0.36 -2.61
CA ALA A 118 -5.67 -0.76 -3.90
C ALA A 118 -5.21 0.21 -4.97
N HIS A 119 -5.25 1.50 -4.67
CA HIS A 119 -4.86 2.55 -5.62
C HIS A 119 -3.38 2.55 -5.86
N ILE A 120 -2.62 2.39 -4.77
CA ILE A 120 -1.13 2.36 -4.82
C ILE A 120 -0.62 1.20 -5.68
N ASN A 121 -1.20 0.03 -5.47
CA ASN A 121 -0.91 -1.15 -6.30
C ASN A 121 -1.23 -0.92 -7.78
N SER A 122 -2.35 -0.27 -8.03
CA SER A 122 -2.80 -0.01 -9.42
C SER A 122 -1.92 1.04 -10.09
N VAL A 123 -1.48 2.01 -9.29
CA VAL A 123 -0.51 3.02 -9.75
C VAL A 123 0.83 2.36 -10.08
N TRP A 124 1.23 1.40 -9.25
CA TRP A 124 2.48 0.65 -9.46
C TRP A 124 2.41 -0.20 -10.73
N LYS A 125 1.28 -0.87 -10.91
CA LYS A 125 1.06 -1.72 -12.07
C LYS A 125 1.15 -0.87 -13.32
N ASP A 126 0.53 0.30 -13.24
CA ASP A 126 0.51 1.27 -14.33
C ASP A 126 1.92 1.78 -14.67
N LEU A 127 2.76 1.96 -13.65
CA LEU A 127 4.15 2.38 -13.90
C LEU A 127 4.92 1.33 -14.70
N LEU A 128 4.70 0.06 -14.37
CA LEU A 128 5.33 -1.07 -15.08
C LEU A 128 4.80 -1.21 -16.51
N GLU A 129 3.51 -0.96 -16.68
CA GLU A 129 2.84 -1.15 -17.99
C GLU A 129 3.00 0.02 -18.96
N ASP A 130 3.04 1.24 -18.42
CA ASP A 130 3.12 2.47 -19.22
C ASP A 130 4.36 3.29 -18.85
N SER A 131 5.20 3.55 -19.83
CA SER A 131 6.40 4.37 -19.63
C SER A 131 6.33 5.76 -20.26
N VAL A 132 5.24 6.11 -20.93
CA VAL A 132 5.21 7.39 -21.68
C VAL A 132 4.22 8.43 -21.21
N THR A 133 3.03 8.02 -20.78
CA THR A 133 1.97 8.99 -20.47
C THR A 133 2.33 9.88 -19.28
N PRO A 134 2.34 11.21 -19.50
CA PRO A 134 2.65 12.11 -18.42
C PRO A 134 1.68 12.02 -17.27
N ILE A 135 2.24 12.07 -16.09
CA ILE A 135 1.50 11.89 -14.85
C ILE A 135 1.09 13.26 -14.36
N ASP A 136 -0.15 13.35 -13.88
CA ASP A 136 -0.69 14.63 -13.43
C ASP A 136 -0.04 15.08 -12.12
N THR A 137 0.13 16.39 -12.03
CA THR A 137 0.64 17.01 -10.81
C THR A 137 -0.20 18.22 -10.42
N THR A 138 -0.19 18.51 -9.13
CA THR A 138 -0.82 19.71 -8.60
C THR A 138 0.22 20.80 -8.39
N ILE A 139 -0.17 22.02 -8.72
CA ILE A 139 0.64 23.18 -8.42
C ILE A 139 0.00 24.00 -7.30
N MET A 140 0.80 24.29 -6.28
CA MET A 140 0.37 25.09 -5.13
C MET A 140 1.41 26.15 -4.80
N ALA A 141 0.92 27.21 -4.16
CA ALA A 141 1.74 28.26 -3.61
C ALA A 141 2.05 27.95 -2.16
N LYS A 142 3.33 27.78 -1.84
CA LYS A 142 3.75 27.53 -0.47
C LYS A 142 3.39 28.72 0.42
N ASN A 143 2.87 28.39 1.59
CA ASN A 143 2.66 29.38 2.64
C ASN A 143 3.84 29.34 3.60
N GLU A 144 4.78 30.25 3.40
CA GLU A 144 5.97 30.39 4.24
C GLU A 144 6.06 31.78 4.87
N VAL A 145 6.54 31.81 6.09
CA VAL A 145 6.59 33.04 6.87
C VAL A 145 7.95 33.72 6.81
N PHE A 146 7.88 35.04 6.65
CA PHE A 146 9.07 35.90 6.62
C PHE A 146 8.82 37.21 7.36
N CYS A 147 9.91 37.95 7.56
CA CYS A 147 9.82 39.35 7.97
C CYS A 147 10.11 40.22 6.74
N VAL A 148 9.29 41.26 6.58
CA VAL A 148 9.44 42.18 5.47
C VAL A 148 10.78 42.92 5.55
N GLN A 149 11.38 43.15 4.39
CA GLN A 149 12.54 44.04 4.26
C GLN A 149 12.28 45.07 3.15
N PRO A 150 11.96 46.33 3.53
CA PRO A 150 11.78 47.40 2.52
C PRO A 150 13.03 47.68 1.70
N GLU A 151 14.20 47.56 2.32
CA GLU A 151 15.50 47.77 1.66
C GLU A 151 15.71 46.80 0.50
N LYS A 152 15.25 45.56 0.68
CA LYS A 152 15.43 44.50 -0.31
C LYS A 152 14.17 44.27 -1.15
N GLY A 153 13.32 45.29 -1.25
CA GLY A 153 12.07 45.18 -2.03
C GLY A 153 10.89 44.47 -1.37
N GLY A 154 10.77 44.64 -0.06
CA GLY A 154 9.57 44.20 0.69
C GLY A 154 9.28 42.71 0.59
N ARG A 155 8.04 42.36 0.26
CA ARG A 155 7.55 40.97 0.39
C ARG A 155 8.00 40.02 -0.72
N LYS A 156 8.50 38.86 -0.32
CA LYS A 156 8.90 37.82 -1.26
C LYS A 156 7.65 37.16 -1.84
N PRO A 157 7.66 36.86 -3.15
CA PRO A 157 6.59 36.07 -3.74
C PRO A 157 6.65 34.62 -3.31
N ALA A 158 5.49 33.97 -3.26
CA ALA A 158 5.40 32.58 -2.78
C ALA A 158 6.20 31.64 -3.67
N ARG A 159 6.81 30.63 -3.07
CA ARG A 159 7.39 29.52 -3.84
C ARG A 159 6.29 28.61 -4.37
N LEU A 160 6.57 28.03 -5.53
CA LEU A 160 5.66 27.08 -6.17
C LEU A 160 6.07 25.66 -5.89
N ILE A 161 5.17 24.91 -5.31
CA ILE A 161 5.40 23.48 -5.05
C ILE A 161 4.57 22.65 -6.04
N VAL A 162 5.25 21.70 -6.67
CA VAL A 162 4.63 20.83 -7.66
C VAL A 162 4.79 19.37 -7.22
N PHE A 163 3.67 18.68 -7.10
CA PHE A 163 3.66 17.30 -6.60
C PHE A 163 2.61 16.40 -7.24
N PRO A 164 2.90 15.09 -7.36
CA PRO A 164 1.93 14.17 -7.89
C PRO A 164 1.04 13.67 -6.78
N ASP A 165 0.06 12.86 -7.15
CA ASP A 165 -0.90 12.36 -6.20
C ASP A 165 -0.22 11.45 -5.16
N LEU A 166 -0.89 11.33 -4.02
CA LEU A 166 -0.40 10.57 -2.87
C LEU A 166 0.02 9.17 -3.28
N GLY A 167 -0.78 8.55 -4.13
CA GLY A 167 -0.53 7.19 -4.60
C GLY A 167 0.78 7.03 -5.37
N VAL A 168 1.08 8.02 -6.20
CA VAL A 168 2.32 8.03 -6.94
C VAL A 168 3.49 8.25 -5.99
N ARG A 169 3.29 9.14 -5.02
CA ARG A 169 4.36 9.49 -4.07
C ARG A 169 4.80 8.28 -3.25
N VAL A 170 3.85 7.41 -2.92
CA VAL A 170 4.16 6.13 -2.26
C VAL A 170 4.98 5.21 -3.17
N CYS A 171 4.57 5.12 -4.44
CA CYS A 171 5.31 4.34 -5.44
C CYS A 171 6.74 4.84 -5.67
N GLU A 172 6.92 6.14 -5.52
CA GLU A 172 8.25 6.76 -5.66
C GLU A 172 9.19 6.20 -4.60
N LYS A 173 8.67 6.09 -3.39
CA LYS A 173 9.43 5.54 -2.27
C LYS A 173 9.81 4.09 -2.55
N MET A 174 8.85 3.33 -3.07
CA MET A 174 9.08 1.90 -3.35
C MET A 174 10.26 1.73 -4.30
N ALA A 175 10.21 2.53 -5.36
CA ALA A 175 11.20 2.45 -6.43
C ALA A 175 12.55 3.08 -6.03
N LEU A 176 12.52 4.19 -5.31
CA LEU A 176 13.71 5.07 -5.20
C LEU A 176 14.23 5.42 -3.82
N TYR A 177 13.49 5.13 -2.78
CA TYR A 177 13.88 5.59 -1.44
C TYR A 177 15.27 5.08 -1.07
N ASP A 178 15.53 3.81 -1.36
CA ASP A 178 16.83 3.21 -1.03
C ASP A 178 17.95 3.82 -1.88
N VAL A 179 17.62 4.18 -3.13
CA VAL A 179 18.58 4.86 -4.02
C VAL A 179 18.94 6.26 -3.53
N VAL A 180 17.92 7.07 -3.24
CA VAL A 180 18.17 8.46 -2.80
C VAL A 180 18.84 8.49 -1.42
N SER A 181 18.64 7.43 -0.66
CA SER A 181 19.31 7.23 0.63
C SER A 181 20.78 6.82 0.58
N LYS A 182 21.19 6.15 -0.49
CA LYS A 182 22.55 5.54 -0.57
C LYS A 182 23.45 6.20 -1.59
N LEU A 183 22.87 6.60 -2.70
CA LEU A 183 23.62 7.01 -3.88
C LEU A 183 24.47 8.28 -3.73
N PRO A 184 23.87 9.38 -3.26
CA PRO A 184 24.60 10.62 -3.15
C PRO A 184 25.90 10.48 -2.40
N LEU A 185 25.85 9.78 -1.28
CA LEU A 185 27.04 9.61 -0.44
C LEU A 185 28.13 8.85 -1.18
N ALA A 186 27.74 7.78 -1.84
CA ALA A 186 28.68 6.93 -2.54
C ALA A 186 29.35 7.71 -3.67
N VAL A 187 28.57 8.55 -4.31
CA VAL A 187 29.02 9.36 -5.44
C VAL A 187 29.90 10.55 -5.04
N MET A 188 29.51 11.22 -3.96
CA MET A 188 30.10 12.52 -3.63
C MET A 188 31.05 12.46 -2.44
N GLY A 189 31.00 11.38 -1.70
CA GLY A 189 31.81 11.24 -0.49
C GLY A 189 31.58 12.37 0.50
N SER A 190 32.67 13.07 0.85
CA SER A 190 32.63 14.10 1.88
C SER A 190 31.91 15.36 1.42
N SER A 191 31.75 15.51 0.11
CA SER A 191 31.02 16.65 -0.44
C SER A 191 29.53 16.60 -0.17
N TYR A 192 29.00 15.42 0.12
CA TYR A 192 27.56 15.25 0.41
C TYR A 192 27.17 15.86 1.74
N GLY A 193 26.42 16.96 1.68
CA GLY A 193 26.13 17.78 2.84
C GLY A 193 25.26 17.12 3.88
N PHE A 194 24.24 16.39 3.43
CA PHE A 194 23.21 15.85 4.31
C PHE A 194 23.70 14.78 5.29
N GLN A 195 24.87 14.20 5.04
CA GLN A 195 25.44 13.18 5.94
C GLN A 195 25.87 13.75 7.30
N TYR A 196 26.07 15.06 7.35
CA TYR A 196 26.66 15.70 8.53
C TYR A 196 25.62 16.22 9.50
N SER A 197 25.82 15.92 10.76
CA SER A 197 25.13 16.64 11.82
C SER A 197 25.72 18.05 11.82
N PRO A 198 25.03 19.00 12.47
CA PRO A 198 25.54 20.37 12.51
C PRO A 198 26.95 20.47 13.10
N GLY A 199 27.21 19.66 14.13
CA GLY A 199 28.52 19.61 14.76
C GLY A 199 29.60 19.07 13.84
N GLN A 200 29.24 18.05 13.07
CA GLN A 200 30.14 17.46 12.08
C GLN A 200 30.38 18.40 10.92
N ARG A 201 29.35 19.14 10.54
CA ARG A 201 29.46 20.07 9.42
C ARG A 201 30.50 21.14 9.72
N VAL A 202 30.44 21.65 10.95
CA VAL A 202 31.39 22.65 11.45
C VAL A 202 32.81 22.14 11.39
N GLU A 203 33.02 20.95 11.95
CA GLU A 203 34.34 20.28 11.95
C GLU A 203 34.89 20.09 10.52
N PHE A 204 34.00 19.72 9.60
CA PHE A 204 34.37 19.53 8.19
C PHE A 204 34.80 20.83 7.53
N LEU A 205 34.05 21.90 7.78
CA LEU A 205 34.35 23.21 7.19
C LEU A 205 35.63 23.79 7.75
N VAL A 206 35.83 23.61 9.06
CA VAL A 206 37.02 24.13 9.72
C VAL A 206 38.28 23.41 9.24
N GLN A 207 38.24 22.08 9.19
CA GLN A 207 39.39 21.29 8.69
C GLN A 207 39.72 21.59 7.22
N ALA A 208 38.69 21.73 6.40
CA ALA A 208 38.87 22.09 4.99
C ALA A 208 39.57 23.45 4.86
N TRP A 209 39.16 24.38 5.72
CA TRP A 209 39.74 25.72 5.76
C TRP A 209 41.18 25.69 6.19
N LYS A 210 41.46 24.90 7.21
CA LYS A 210 42.82 24.78 7.74
C LYS A 210 43.75 23.96 6.84
N SER A 211 43.17 23.10 6.01
CA SER A 211 43.96 22.22 5.12
C SER A 211 44.61 22.95 3.94
N LYS A 212 44.28 24.23 3.76
CA LYS A 212 44.87 25.03 2.67
C LYS A 212 45.96 25.93 3.25
N LYS A 213 46.99 26.16 2.47
CA LYS A 213 48.06 27.07 2.89
C LYS A 213 47.45 28.44 3.06
N THR A 214 46.78 28.91 2.01
CA THR A 214 46.07 30.19 2.01
C THR A 214 44.65 29.99 1.49
N PRO A 215 43.68 29.79 2.39
CA PRO A 215 42.36 29.39 1.95
C PRO A 215 41.57 30.50 1.33
N MET A 216 40.81 30.13 0.30
CA MET A 216 39.80 30.97 -0.29
C MET A 216 38.53 30.17 -0.38
N GLY A 217 37.42 30.81 -0.06
CA GLY A 217 36.12 30.18 -0.13
C GLY A 217 35.06 31.04 -0.78
N PHE A 218 34.03 30.39 -1.30
CA PHE A 218 32.89 31.11 -1.83
C PHE A 218 31.66 30.24 -1.85
N SER A 219 30.52 30.91 -1.88
CA SER A 219 29.26 30.25 -2.11
C SER A 219 28.79 30.64 -3.49
N TYR A 220 28.06 29.72 -4.10
CA TYR A 220 27.47 29.96 -5.40
C TYR A 220 25.95 29.75 -5.32
N ASP A 221 25.23 30.82 -5.58
CA ASP A 221 23.76 30.83 -5.58
C ASP A 221 23.26 30.91 -7.01
N THR A 222 22.71 29.80 -7.48
CA THR A 222 22.09 29.73 -8.81
C THR A 222 20.71 30.36 -8.77
N ARG A 223 20.45 31.23 -9.73
CA ARG A 223 19.10 31.81 -9.90
C ARG A 223 18.12 30.71 -10.29
N CYS A 224 17.12 30.50 -9.44
CA CYS A 224 16.01 29.56 -9.71
C CYS A 224 16.46 28.16 -10.13
N PHE A 225 17.24 27.51 -9.27
CA PHE A 225 17.90 26.24 -9.62
C PHE A 225 16.97 25.23 -10.27
N ASP A 226 15.78 25.08 -9.71
CA ASP A 226 14.80 24.12 -10.22
C ASP A 226 14.42 24.34 -11.69
N SER A 227 14.29 25.60 -12.08
CA SER A 227 14.00 25.97 -13.47
C SER A 227 15.20 25.73 -14.38
N THR A 228 16.39 25.78 -13.81
CA THR A 228 17.62 25.62 -14.59
C THR A 228 17.91 24.16 -14.93
N VAL A 229 17.29 23.25 -14.18
CA VAL A 229 17.47 21.81 -14.39
C VAL A 229 16.73 21.37 -15.66
N THR A 230 17.50 20.94 -16.64
CA THR A 230 16.97 20.59 -17.95
C THR A 230 16.47 19.14 -18.01
N GLU A 231 15.73 18.86 -19.08
CA GLU A 231 15.22 17.51 -19.36
C GLU A 231 16.38 16.50 -19.40
N SER A 232 17.47 16.92 -20.03
CA SER A 232 18.65 16.06 -20.17
C SER A 232 19.36 15.83 -18.84
N ASP A 233 19.35 16.84 -17.97
CA ASP A 233 19.87 16.71 -16.60
C ASP A 233 19.05 15.65 -15.84
N ILE A 234 17.73 15.73 -16.02
CA ILE A 234 16.81 14.82 -15.34
C ILE A 234 16.99 13.38 -15.87
N ARG A 235 17.30 13.26 -17.16
CA ARG A 235 17.56 11.95 -17.76
C ARG A 235 18.94 11.41 -17.38
N THR A 236 19.90 12.32 -17.23
CA THR A 236 21.24 11.94 -16.77
C THR A 236 21.16 11.35 -15.37
N GLU A 237 20.34 11.99 -14.54
CA GLU A 237 20.08 11.48 -13.20
C GLU A 237 19.53 10.03 -13.22
N GLU A 238 18.62 9.79 -14.15
CA GLU A 238 18.03 8.46 -14.33
C GLU A 238 19.09 7.45 -14.73
N ALA A 239 19.91 7.81 -15.71
CA ALA A 239 21.05 6.98 -16.13
C ALA A 239 21.97 6.65 -14.95
N ILE A 240 22.17 7.63 -14.06
CA ILE A 240 23.00 7.43 -12.87
C ILE A 240 22.34 6.49 -11.88
N TYR A 241 21.03 6.64 -11.68
CA TYR A 241 20.27 5.72 -10.81
C TYR A 241 20.43 4.30 -11.33
N GLN A 242 20.35 4.16 -12.65
CA GLN A 242 20.42 2.85 -13.33
C GLN A 242 21.81 2.21 -13.29
N CYS A 243 22.82 2.96 -12.85
CA CYS A 243 24.14 2.36 -12.61
C CYS A 243 24.18 1.47 -11.37
N CYS A 244 23.30 1.73 -10.42
CA CYS A 244 23.19 0.86 -9.25
C CYS A 244 22.71 -0.52 -9.61
N ASP A 245 23.03 -1.49 -8.75
CA ASP A 245 22.41 -2.81 -8.81
C ASP A 245 20.99 -2.68 -8.30
N LEU A 246 20.03 -2.87 -9.18
CA LEU A 246 18.59 -2.65 -8.87
C LEU A 246 17.77 -3.89 -9.17
N ASP A 247 16.59 -3.96 -8.56
CA ASP A 247 15.61 -5.02 -8.88
C ASP A 247 15.03 -4.69 -10.26
N PRO A 248 14.77 -5.72 -11.08
CA PRO A 248 14.20 -5.52 -12.40
C PRO A 248 12.98 -4.59 -12.45
N GLN A 249 12.02 -4.83 -11.57
CA GLN A 249 10.81 -3.99 -11.50
C GLN A 249 11.16 -2.56 -11.14
N ALA A 250 12.17 -2.40 -10.31
CA ALA A 250 12.65 -1.07 -9.91
C ALA A 250 13.14 -0.28 -11.11
N ARG A 251 13.88 -0.94 -11.98
CA ARG A 251 14.46 -0.27 -13.15
C ARG A 251 13.38 0.27 -14.08
N VAL A 252 12.33 -0.53 -14.26
CA VAL A 252 11.20 -0.17 -15.10
C VAL A 252 10.47 1.03 -14.50
N ALA A 253 10.20 0.93 -13.19
CA ALA A 253 9.49 1.99 -12.47
C ALA A 253 10.28 3.32 -12.44
N ILE A 254 11.59 3.22 -12.20
CA ILE A 254 12.46 4.40 -12.19
C ILE A 254 12.42 5.12 -13.55
N LYS A 255 12.53 4.35 -14.62
CA LYS A 255 12.49 4.88 -15.98
C LYS A 255 11.13 5.51 -16.32
N SER A 256 10.06 4.84 -15.88
CA SER A 256 8.71 5.36 -16.09
C SER A 256 8.49 6.66 -15.33
N LEU A 257 8.92 6.69 -14.09
CA LEU A 257 8.74 7.89 -13.25
C LEU A 257 9.55 9.07 -13.80
N THR A 258 10.70 8.75 -14.39
CA THR A 258 11.55 9.77 -15.00
C THR A 258 10.85 10.42 -16.20
N GLU A 259 10.38 9.58 -17.11
CA GLU A 259 9.76 10.04 -18.36
C GLU A 259 8.37 10.61 -18.16
N ARG A 260 7.62 10.07 -17.21
CA ARG A 260 6.21 10.49 -17.00
C ARG A 260 6.02 11.55 -15.93
N LEU A 261 7.01 11.71 -15.06
CA LEU A 261 6.88 12.61 -13.91
C LEU A 261 8.05 13.58 -13.79
N TYR A 262 9.25 13.06 -13.63
CA TYR A 262 10.44 13.89 -13.37
C TYR A 262 10.81 14.86 -14.48
N VAL A 263 10.86 14.39 -15.72
CA VAL A 263 11.28 15.25 -16.85
C VAL A 263 10.31 16.40 -17.07
N GLY A 264 9.03 16.13 -16.78
CA GLY A 264 7.99 17.15 -16.89
C GLY A 264 6.58 16.60 -16.91
N GLY A 265 5.63 17.46 -17.21
CA GLY A 265 4.21 17.08 -17.24
C GLY A 265 3.25 18.22 -16.96
N PRO A 266 1.94 17.92 -16.98
CA PRO A 266 0.94 18.96 -16.81
C PRO A 266 0.81 19.42 -15.37
N LEU A 267 0.46 20.68 -15.23
CA LEU A 267 0.22 21.31 -13.95
C LEU A 267 -1.26 21.61 -13.81
N THR A 268 -1.84 21.07 -12.76
CA THR A 268 -3.23 21.32 -12.41
C THR A 268 -3.34 22.07 -11.08
N ASN A 269 -4.15 23.12 -11.05
CA ASN A 269 -4.36 23.85 -9.79
C ASN A 269 -5.33 23.11 -8.85
N SER A 270 -5.54 23.68 -7.67
CA SER A 270 -6.37 23.04 -6.64
C SER A 270 -7.84 22.87 -7.05
N ARG A 271 -8.28 23.69 -8.00
CA ARG A 271 -9.64 23.60 -8.54
C ARG A 271 -9.78 22.70 -9.77
N GLY A 272 -8.73 21.95 -10.08
CA GLY A 272 -8.74 21.03 -11.25
C GLY A 272 -8.44 21.65 -12.62
N GLU A 273 -8.19 22.95 -12.65
CA GLU A 273 -7.89 23.66 -13.90
C GLU A 273 -6.46 23.42 -14.37
N ASN A 274 -6.29 23.38 -15.68
CA ASN A 274 -4.99 23.18 -16.30
C ASN A 274 -4.20 24.48 -16.31
N CYS A 275 -3.10 24.50 -15.57
CA CYS A 275 -2.27 25.70 -15.40
C CYS A 275 -1.20 25.82 -16.43
N GLY A 276 -0.81 24.67 -16.96
CA GLY A 276 0.25 24.61 -17.95
C GLY A 276 1.09 23.35 -17.87
N TYR A 277 2.34 23.49 -18.25
CA TYR A 277 3.22 22.36 -18.41
C TYR A 277 4.61 22.68 -17.90
N ARG A 278 5.20 21.69 -17.25
CA ARG A 278 6.52 21.80 -16.63
C ARG A 278 7.57 21.03 -17.43
N ARG A 279 8.75 21.62 -17.57
CA ARG A 279 9.87 20.97 -18.28
C ARG A 279 11.15 21.13 -17.48
N CYS A 280 11.00 21.23 -16.17
CA CYS A 280 12.12 21.34 -15.25
C CYS A 280 11.85 20.55 -13.98
N ARG A 281 12.69 20.75 -12.98
CA ARG A 281 12.56 20.04 -11.73
C ARG A 281 11.25 20.33 -11.01
N ALA A 282 10.60 19.24 -10.60
CA ALA A 282 9.44 19.31 -9.73
C ALA A 282 9.92 19.41 -8.29
N SER A 283 9.39 20.42 -7.58
CA SER A 283 9.76 20.72 -6.19
C SER A 283 9.37 19.60 -5.23
N GLY A 284 8.26 18.95 -5.55
CA GLY A 284 7.57 18.05 -4.61
C GLY A 284 7.66 16.59 -4.98
N VAL A 285 8.75 16.20 -5.60
CA VAL A 285 9.00 14.78 -5.84
C VAL A 285 10.11 14.24 -4.94
N LEU A 286 10.13 12.91 -4.81
CA LEU A 286 11.07 12.25 -3.89
C LEU A 286 12.52 12.52 -4.28
N THR A 287 12.76 12.64 -5.57
CA THR A 287 14.13 12.73 -6.08
C THR A 287 14.68 14.15 -6.11
N THR A 288 13.89 15.12 -5.69
CA THR A 288 14.27 16.54 -5.83
C THR A 288 15.59 16.84 -5.13
N SER A 289 15.68 16.43 -3.88
CA SER A 289 16.88 16.69 -3.08
C SER A 289 18.09 15.97 -3.63
N CYS A 290 17.94 14.67 -3.87
CA CYS A 290 19.02 13.84 -4.38
C CYS A 290 19.48 14.36 -5.74
N GLY A 291 18.50 14.60 -6.61
CA GLY A 291 18.75 15.05 -7.97
C GLY A 291 19.41 16.40 -8.04
N ASN A 292 18.94 17.34 -7.21
CA ASN A 292 19.50 18.69 -7.18
C ASN A 292 20.92 18.67 -6.68
N THR A 293 21.18 17.85 -5.68
CA THR A 293 22.53 17.73 -5.13
C THR A 293 23.49 17.16 -6.17
N LEU A 294 23.04 16.11 -6.85
CA LEU A 294 23.86 15.45 -7.88
C LEU A 294 24.19 16.39 -9.04
N THR A 295 23.16 17.02 -9.60
CA THR A 295 23.33 17.91 -10.74
C THR A 295 24.20 19.11 -10.40
N CYS A 296 23.92 19.69 -9.25
CA CYS A 296 24.72 20.81 -8.75
C CYS A 296 26.19 20.39 -8.57
N TYR A 297 26.39 19.27 -7.89
CA TYR A 297 27.73 18.70 -7.67
C TYR A 297 28.47 18.45 -8.98
N ILE A 298 27.78 17.85 -9.94
CA ILE A 298 28.38 17.53 -11.24
C ILE A 298 28.81 18.81 -11.96
N LYS A 299 27.88 19.75 -12.05
CA LYS A 299 28.14 21.02 -12.72
C LYS A 299 29.26 21.77 -12.00
N ALA A 300 29.20 21.80 -10.67
CA ALA A 300 30.18 22.53 -9.84
C ALA A 300 31.57 21.91 -9.96
N ARG A 301 31.63 20.59 -9.88
CA ARG A 301 32.90 19.90 -9.96
C ARG A 301 33.57 20.15 -11.32
N ALA A 302 32.77 20.10 -12.38
CA ALA A 302 33.23 20.40 -13.73
C ALA A 302 33.64 21.87 -13.87
N ALA A 303 32.83 22.75 -13.30
CA ALA A 303 33.10 24.19 -13.37
C ALA A 303 34.38 24.56 -12.63
N CYS A 304 34.67 23.84 -11.54
CA CYS A 304 35.92 24.04 -10.77
C CYS A 304 37.14 23.81 -11.63
N ARG A 305 37.07 22.75 -12.43
CA ARG A 305 38.14 22.40 -13.36
C ARG A 305 38.32 23.44 -14.44
N ALA A 306 37.22 23.83 -15.08
CA ALA A 306 37.28 24.88 -16.11
C ALA A 306 37.80 26.21 -15.52
N ALA A 307 37.45 26.47 -14.27
CA ALA A 307 37.84 27.69 -13.55
C ALA A 307 39.32 27.64 -13.15
N GLY A 308 39.90 26.45 -13.19
CA GLY A 308 41.29 26.26 -12.78
C GLY A 308 41.51 26.46 -11.30
N LEU A 309 40.50 26.12 -10.50
CA LEU A 309 40.61 26.23 -9.04
C LEU A 309 41.51 25.12 -8.51
N GLN A 310 42.34 25.47 -7.54
CA GLN A 310 43.36 24.55 -7.02
C GLN A 310 42.93 23.93 -5.70
N ASP A 311 42.98 22.60 -5.62
CA ASP A 311 42.75 21.86 -4.37
C ASP A 311 41.35 22.14 -3.80
N CYS A 312 40.35 21.88 -4.65
CA CYS A 312 38.97 22.21 -4.34
C CYS A 312 38.34 21.23 -3.34
N THR A 313 37.79 21.79 -2.27
CA THR A 313 36.88 21.07 -1.40
C THR A 313 35.48 21.68 -1.52
N MET A 314 34.53 20.82 -1.86
CA MET A 314 33.14 21.24 -2.08
C MET A 314 32.23 20.68 -1.02
N LEU A 315 31.22 21.48 -0.70
CA LEU A 315 30.11 21.07 0.14
C LEU A 315 28.81 21.42 -0.58
N VAL A 316 27.97 20.42 -0.76
CA VAL A 316 26.77 20.56 -1.57
C VAL A 316 25.54 20.10 -0.80
N TYR A 317 24.57 20.99 -0.69
CA TYR A 317 23.27 20.63 -0.17
C TYR A 317 22.15 21.12 -1.08
N GLY A 318 21.58 20.20 -1.83
CA GLY A 318 20.66 20.58 -2.88
C GLY A 318 21.33 21.58 -3.81
N ASP A 319 20.72 22.76 -3.92
CA ASP A 319 21.22 23.82 -4.81
C ASP A 319 22.22 24.74 -4.10
N ASP A 320 22.53 24.40 -2.85
CA ASP A 320 23.52 25.14 -2.07
C ASP A 320 24.92 24.58 -2.22
N LEU A 321 25.80 25.43 -2.69
CA LEU A 321 27.16 25.06 -3.00
C LEU A 321 28.18 25.97 -2.35
N VAL A 322 29.07 25.34 -1.61
CA VAL A 322 30.25 26.01 -1.07
C VAL A 322 31.49 25.33 -1.59
N VAL A 323 32.44 26.14 -2.05
CA VAL A 323 33.74 25.65 -2.46
C VAL A 323 34.82 26.36 -1.66
N ILE A 324 35.72 25.56 -1.13
CA ILE A 324 36.92 26.06 -0.45
C ILE A 324 38.13 25.53 -1.19
N CYS A 325 39.07 26.42 -1.49
CA CYS A 325 40.23 26.06 -2.29
C CYS A 325 41.52 26.80 -1.91
N GLU A 326 42.61 26.39 -2.53
CA GLU A 326 43.90 27.03 -2.35
C GLU A 326 43.95 28.32 -3.17
N SER A 327 44.18 29.45 -2.51
CA SER A 327 44.22 30.76 -3.21
C SER A 327 45.42 30.89 -4.14
N ALA A 328 45.18 31.54 -5.28
CA ALA A 328 46.22 31.80 -6.28
C ALA A 328 46.66 33.27 -6.28
N GLY A 329 46.16 34.04 -5.32
CA GLY A 329 46.33 35.50 -5.30
C GLY A 329 44.98 36.19 -5.47
N VAL A 330 44.90 37.46 -5.07
CA VAL A 330 43.61 38.17 -5.05
C VAL A 330 43.00 38.33 -6.43
N GLN A 331 43.81 38.78 -7.38
CA GLN A 331 43.34 39.02 -8.75
C GLN A 331 43.09 37.71 -9.48
N GLU A 332 43.96 36.75 -9.21
CA GLU A 332 43.89 35.41 -9.81
C GLU A 332 42.64 34.67 -9.35
N ASP A 333 42.28 34.83 -8.08
CA ASP A 333 41.07 34.22 -7.51
C ASP A 333 39.79 34.82 -8.11
N ALA A 334 39.76 36.15 -8.18
CA ALA A 334 38.64 36.88 -8.75
C ALA A 334 38.39 36.43 -10.18
N ALA A 335 39.48 36.34 -10.94
CA ALA A 335 39.46 35.88 -12.33
C ALA A 335 38.89 34.46 -12.45
N SER A 336 39.39 33.56 -11.63
CA SER A 336 38.97 32.15 -11.71
C SER A 336 37.50 31.98 -11.30
N LEU A 337 37.03 32.84 -10.41
CA LEU A 337 35.64 32.83 -9.96
C LEU A 337 34.70 33.29 -11.08
N ARG A 338 35.12 34.29 -11.85
CA ARG A 338 34.35 34.72 -13.03
C ARG A 338 34.29 33.60 -14.07
N ALA A 339 35.38 32.83 -14.18
CA ALA A 339 35.44 31.69 -15.13
C ALA A 339 34.58 30.53 -14.64
N PHE A 340 34.53 30.38 -13.32
CA PHE A 340 33.63 29.41 -12.68
C PHE A 340 32.18 29.74 -13.02
N THR A 341 31.82 30.99 -12.86
CA THR A 341 30.46 31.47 -13.13
C THR A 341 30.09 31.22 -14.59
N GLU A 342 31.02 31.52 -15.49
CA GLU A 342 30.85 31.29 -16.94
C GLU A 342 30.59 29.82 -17.26
N ALA A 343 31.34 28.94 -16.62
CA ALA A 343 31.18 27.50 -16.84
C ALA A 343 29.81 27.05 -16.35
N MET A 344 29.44 27.49 -15.14
CA MET A 344 28.14 27.13 -14.55
C MET A 344 27.00 27.63 -15.43
N THR A 345 27.18 28.83 -15.98
CA THR A 345 26.18 29.45 -16.87
C THR A 345 25.96 28.61 -18.12
N ARG A 346 27.05 28.16 -18.73
CA ARG A 346 26.98 27.28 -19.90
C ARG A 346 26.28 26.00 -19.55
N TYR A 347 26.55 25.52 -18.33
CA TYR A 347 25.92 24.29 -17.82
C TYR A 347 24.48 24.55 -17.43
N SER A 348 24.00 25.75 -17.77
CA SER A 348 22.62 26.15 -17.60
C SER A 348 22.27 26.76 -16.26
N ALA A 349 23.25 26.94 -15.37
CA ALA A 349 22.98 27.42 -14.00
C ALA A 349 23.70 28.72 -13.64
N PRO A 350 23.24 29.85 -14.20
CA PRO A 350 23.82 31.15 -13.90
C PRO A 350 23.44 31.63 -12.51
N PRO A 351 24.24 32.55 -11.94
CA PRO A 351 24.05 33.00 -10.58
C PRO A 351 22.92 33.98 -10.41
N GLY A 352 22.31 33.93 -9.24
CA GLY A 352 21.38 34.99 -8.79
C GLY A 352 22.15 36.25 -8.45
N ASP A 353 23.18 36.07 -7.63
CA ASP A 353 24.11 37.16 -7.31
C ASP A 353 25.52 36.61 -7.50
N PRO A 354 26.40 37.40 -8.13
CA PRO A 354 27.71 36.86 -8.49
C PRO A 354 28.51 36.47 -7.26
N PRO A 355 29.18 35.32 -7.31
CA PRO A 355 29.96 34.81 -6.19
C PRO A 355 31.14 35.71 -5.90
N GLN A 356 31.44 35.89 -4.60
CA GLN A 356 32.54 36.72 -4.15
C GLN A 356 33.54 35.91 -3.32
N PRO A 357 34.85 36.08 -3.61
CA PRO A 357 35.86 35.40 -2.81
C PRO A 357 35.89 35.88 -1.39
N GLU A 358 35.98 34.94 -0.46
CA GLU A 358 36.12 35.26 0.95
C GLU A 358 37.38 34.63 1.50
N TYR A 359 38.12 35.42 2.29
CA TYR A 359 39.42 34.98 2.84
C TYR A 359 39.35 34.80 4.34
N ASP A 360 38.12 34.85 4.85
CA ASP A 360 37.80 34.54 6.23
C ASP A 360 36.67 33.52 6.26
N LEU A 361 36.83 32.47 7.06
CA LEU A 361 35.83 31.38 7.08
C LEU A 361 34.46 31.89 7.50
N GLU A 362 34.47 32.76 8.51
CA GLU A 362 33.24 33.30 9.11
C GLU A 362 32.32 34.05 8.11
N LEU A 363 32.93 34.59 7.06
CA LEU A 363 32.21 35.37 6.04
C LEU A 363 31.43 34.53 5.03
N ILE A 364 31.74 33.23 4.94
CA ILE A 364 31.00 32.38 4.02
C ILE A 364 29.61 32.00 4.55
N THR A 365 28.59 32.32 3.76
CA THR A 365 27.18 32.01 4.07
C THR A 365 26.60 31.01 3.08
N SER A 366 26.16 29.89 3.63
CA SER A 366 25.45 28.88 2.84
C SER A 366 24.32 28.23 3.62
N CYS A 367 23.20 28.04 2.95
CA CYS A 367 21.98 27.58 3.58
C CYS A 367 21.62 28.63 4.63
N SER A 368 22.01 29.86 4.33
CA SER A 368 21.79 31.03 5.20
C SER A 368 22.52 30.98 6.56
N SER A 369 23.47 30.05 6.67
CA SER A 369 24.22 29.85 7.91
C SER A 369 25.67 30.26 7.75
N ASN A 370 26.33 30.43 8.88
CA ASN A 370 27.75 30.74 8.92
C ASN A 370 28.41 30.20 10.18
N VAL A 371 29.72 30.01 10.09
CA VAL A 371 30.50 29.57 11.23
C VAL A 371 30.79 30.76 12.12
N SER A 372 30.74 30.52 13.42
CA SER A 372 31.12 31.53 14.40
C SER A 372 31.79 30.87 15.60
N VAL A 373 32.32 31.72 16.48
CA VAL A 373 33.12 31.27 17.61
C VAL A 373 32.53 31.70 18.94
N ALA A 374 32.44 30.74 19.84
CA ALA A 374 32.17 30.99 21.23
C ALA A 374 33.23 30.28 22.08
N HIS A 375 33.08 30.34 23.40
CA HIS A 375 33.96 29.63 24.32
C HIS A 375 33.19 28.68 25.20
N ASP A 376 33.80 27.54 25.49
CA ASP A 376 33.19 26.52 26.35
C ASP A 376 33.47 26.81 27.82
N GLY A 377 33.07 25.88 28.68
CA GLY A 377 33.23 26.02 30.12
C GLY A 377 34.65 26.34 30.57
N ALA A 378 35.62 25.68 29.94
CA ALA A 378 37.04 25.82 30.29
C ALA A 378 37.74 26.96 29.54
N GLY A 379 36.97 27.75 28.77
CA GLY A 379 37.52 28.88 28.03
C GLY A 379 38.14 28.52 26.70
N LYS A 380 37.94 27.28 26.27
CA LYS A 380 38.45 26.83 24.97
C LYS A 380 37.55 27.32 23.84
N ARG A 381 38.16 27.71 22.72
CA ARG A 381 37.41 28.19 21.55
C ARG A 381 36.60 27.07 20.93
N VAL A 382 35.31 27.33 20.72
CA VAL A 382 34.40 26.37 20.09
C VAL A 382 33.70 26.97 18.89
N TYR A 383 33.82 26.28 17.76
CA TYR A 383 33.13 26.70 16.54
C TYR A 383 31.75 26.08 16.49
N TYR A 384 30.81 26.81 15.88
CA TYR A 384 29.42 26.36 15.82
C TYR A 384 28.70 27.09 14.69
N LEU A 385 27.67 26.44 14.17
CA LEU A 385 26.90 27.00 13.05
C LEU A 385 25.75 27.87 13.59
N THR A 386 25.60 29.03 12.98
CA THR A 386 24.59 30.01 13.37
C THR A 386 23.98 30.63 12.12
N ARG A 387 23.04 31.55 12.32
CA ARG A 387 22.35 32.21 11.20
C ARG A 387 21.61 33.43 11.72
N ASP A 388 21.20 34.29 10.79
CA ASP A 388 20.36 35.45 11.15
C ASP A 388 19.03 34.90 11.65
N PRO A 389 18.62 35.30 12.86
CA PRO A 389 17.47 34.69 13.52
C PRO A 389 16.11 35.23 13.12
N THR A 390 16.08 36.20 12.21
CA THR A 390 14.84 36.89 11.82
C THR A 390 13.76 35.93 11.39
N THR A 391 14.06 35.10 10.39
CA THR A 391 13.08 34.16 9.84
C THR A 391 12.67 33.07 10.85
N PRO A 392 13.64 32.49 11.53
CA PRO A 392 13.30 31.56 12.61
C PRO A 392 12.37 32.18 13.66
N LEU A 393 12.64 33.42 14.05
CA LEU A 393 11.80 34.11 15.05
C LEU A 393 10.40 34.44 14.52
N ALA A 394 10.34 34.85 13.26
CA ALA A 394 9.08 35.22 12.63
C ALA A 394 8.17 33.98 12.50
N ARG A 395 8.78 32.86 12.14
CA ARG A 395 8.05 31.60 12.06
C ARG A 395 7.65 31.08 13.45
N ALA A 396 8.55 31.26 14.40
CA ALA A 396 8.30 30.86 15.78
C ALA A 396 7.07 31.56 16.38
N ALA A 397 6.91 32.84 16.03
CA ALA A 397 5.78 33.63 16.49
C ALA A 397 4.50 33.12 15.85
N TRP A 398 4.57 32.83 14.56
CA TRP A 398 3.41 32.37 13.79
C TRP A 398 2.94 31.04 14.28
N GLU A 399 3.90 30.18 14.55
CA GLU A 399 3.63 28.83 15.01
C GLU A 399 3.12 28.79 16.45
N THR A 400 3.33 29.86 17.20
CA THR A 400 2.72 30.03 18.52
C THR A 400 1.28 30.48 18.40
N ALA A 401 1.05 31.37 17.42
CA ALA A 401 -0.26 31.97 17.18
C ALA A 401 -1.23 30.98 16.56
N ARG A 402 -0.70 30.10 15.72
CA ARG A 402 -1.50 29.10 15.01
C ARG A 402 -0.84 27.75 15.09
N HIS A 403 -1.65 26.71 15.22
CA HIS A 403 -1.13 25.37 15.22
C HIS A 403 -0.81 24.99 13.80
N THR A 404 0.42 24.56 13.57
CA THR A 404 0.82 24.06 12.26
C THR A 404 1.24 22.60 12.39
N PRO A 405 0.83 21.76 11.42
CA PRO A 405 1.09 20.32 11.48
C PRO A 405 2.59 19.99 11.60
N VAL A 406 3.42 20.73 10.87
CA VAL A 406 4.88 20.68 11.03
C VAL A 406 5.44 21.95 11.71
N ASN A 407 6.17 21.76 12.80
CA ASN A 407 6.66 22.86 13.68
C ASN A 407 8.14 23.20 13.48
N SER A 408 8.42 24.17 12.61
CA SER A 408 9.81 24.60 12.31
C SER A 408 10.67 25.05 13.51
N TRP A 409 10.02 25.55 14.56
CA TRP A 409 10.74 26.05 15.76
C TRP A 409 11.52 24.98 16.47
N LEU A 410 10.92 23.81 16.56
CA LEU A 410 11.58 22.65 17.18
C LEU A 410 12.80 22.23 16.37
N GLY A 411 12.66 22.27 15.06
CA GLY A 411 13.77 22.03 14.14
C GLY A 411 14.91 22.99 14.39
N ASN A 412 14.59 24.27 14.51
CA ASN A 412 15.59 25.33 14.72
C ASN A 412 16.31 25.23 16.06
N ILE A 413 15.57 24.86 17.10
CA ILE A 413 16.18 24.63 18.42
C ILE A 413 17.20 23.50 18.33
N ILE A 414 16.81 22.41 17.70
CA ILE A 414 17.71 21.28 17.49
C ILE A 414 18.90 21.66 16.59
N MET A 415 18.61 22.34 15.50
CA MET A 415 19.63 22.66 14.49
C MET A 415 20.61 23.72 14.96
N PHE A 416 20.10 24.71 15.68
CA PHE A 416 20.92 25.86 16.10
C PHE A 416 21.03 25.94 17.62
N ALA A 417 21.00 24.77 18.26
CA ALA A 417 21.04 24.63 19.73
C ALA A 417 22.16 25.41 20.43
N PRO A 418 23.39 25.41 19.89
CA PRO A 418 24.51 26.15 20.54
C PRO A 418 24.42 27.67 20.45
N THR A 419 23.52 28.17 19.62
CA THR A 419 23.45 29.60 19.37
C THR A 419 22.87 30.39 20.54
N LEU A 420 23.29 31.64 20.61
CA LEU A 420 22.84 32.58 21.62
C LEU A 420 21.32 32.71 21.59
N TRP A 421 20.81 32.97 20.40
CA TRP A 421 19.38 33.26 20.20
C TRP A 421 18.47 32.07 20.41
N ALA A 422 18.93 30.88 20.04
CA ALA A 422 18.12 29.67 20.22
C ALA A 422 18.01 29.30 21.68
N ARG A 423 19.12 29.43 22.38
CA ARG A 423 19.17 29.08 23.80
C ARG A 423 18.37 30.06 24.66
N MET A 424 18.51 31.34 24.38
CA MET A 424 17.95 32.38 25.26
C MET A 424 16.51 32.72 24.94
N ILE A 425 16.17 32.70 23.65
CA ILE A 425 14.84 33.12 23.20
C ILE A 425 13.92 31.94 22.85
N LEU A 426 14.33 31.15 21.87
CA LEU A 426 13.52 30.01 21.39
C LEU A 426 13.23 29.00 22.49
N MET A 427 14.28 28.55 23.17
CA MET A 427 14.11 27.54 24.22
C MET A 427 13.22 28.08 25.31
N THR A 428 13.56 29.25 25.83
CA THR A 428 12.81 29.85 26.93
C THR A 428 11.33 29.99 26.53
N HIS A 429 11.11 30.57 25.36
CA HIS A 429 9.78 30.84 24.88
C HIS A 429 8.92 29.60 24.78
N PHE A 430 9.41 28.60 24.05
CA PHE A 430 8.58 27.44 23.75
C PHE A 430 8.34 26.54 24.97
N PHE A 431 9.35 26.38 25.81
CA PHE A 431 9.16 25.68 27.07
C PHE A 431 8.16 26.40 27.97
N SER A 432 8.12 27.73 27.91
CA SER A 432 7.12 28.47 28.69
C SER A 432 5.73 28.34 28.06
N VAL A 433 5.68 28.24 26.74
CA VAL A 433 4.42 28.05 26.00
C VAL A 433 3.81 26.66 26.20
N LEU A 434 4.68 25.66 26.18
CA LEU A 434 4.27 24.27 26.41
C LEU A 434 3.74 24.11 27.83
N ILE A 435 4.42 24.73 28.78
CA ILE A 435 4.00 24.71 30.18
C ILE A 435 2.64 25.39 30.33
N ALA A 436 2.51 26.55 29.69
CA ALA A 436 1.27 27.33 29.71
C ALA A 436 0.09 26.57 29.11
N ARG A 437 0.34 25.81 28.05
CA ARG A 437 -0.74 25.09 27.37
C ARG A 437 -0.88 23.62 27.79
N ASP A 438 -0.06 23.21 28.76
CA ASP A 438 -0.08 21.84 29.28
C ASP A 438 0.21 20.82 28.17
N GLN A 439 1.19 21.15 27.34
CA GLN A 439 1.56 20.33 26.19
C GLN A 439 2.99 19.85 26.28
N LEU A 440 3.57 19.89 27.47
CA LEU A 440 5.00 19.59 27.65
C LEU A 440 5.35 18.15 27.28
N GLU A 441 4.42 17.23 27.48
CA GLU A 441 4.67 15.80 27.25
C GLU A 441 4.26 15.27 25.87
N GLN A 442 3.66 16.12 25.06
CA GLN A 442 3.14 15.72 23.74
C GLN A 442 4.19 15.79 22.64
N ALA A 443 4.23 14.76 21.79
CA ALA A 443 5.15 14.69 20.67
C ALA A 443 4.71 15.66 19.56
N LEU A 444 5.69 16.28 18.91
CA LEU A 444 5.45 17.22 17.83
C LEU A 444 6.16 16.79 16.54
N ASP A 445 5.57 17.17 15.42
CA ASP A 445 6.18 16.95 14.13
C ASP A 445 6.95 18.20 13.75
N CYS A 446 8.22 18.00 13.45
CA CYS A 446 9.10 19.07 12.96
C CYS A 446 9.96 18.57 11.82
N GLU A 447 10.44 19.49 11.00
CA GLU A 447 11.29 19.14 9.86
C GLU A 447 12.76 19.41 10.16
N ILE A 448 13.59 18.41 9.86
CA ILE A 448 15.04 18.54 9.94
C ILE A 448 15.64 18.07 8.61
N TYR A 449 16.31 19.00 7.93
CA TYR A 449 16.85 18.75 6.59
C TYR A 449 15.74 18.20 5.66
N GLY A 450 14.53 18.72 5.82
CA GLY A 450 13.39 18.32 4.97
C GLY A 450 12.56 17.13 5.47
N ALA A 451 13.21 16.15 6.07
CA ALA A 451 12.53 14.97 6.58
C ALA A 451 11.70 15.40 7.76
N CYS A 452 10.50 14.82 7.84
CA CYS A 452 9.60 15.06 8.95
C CYS A 452 9.87 14.06 10.08
N TYR A 453 10.03 14.59 11.29
CA TYR A 453 10.31 13.76 12.48
C TYR A 453 9.31 13.96 13.60
N SER A 454 9.04 12.89 14.33
CA SER A 454 8.20 13.00 15.54
C SER A 454 9.14 13.10 16.72
N ILE A 455 9.15 14.26 17.38
CA ILE A 455 10.06 14.54 18.49
C ILE A 455 9.31 15.00 19.74
N GLU A 456 9.63 14.36 20.87
CA GLU A 456 9.17 14.82 22.18
C GLU A 456 10.10 15.95 22.70
N PRO A 457 9.56 17.14 22.98
CA PRO A 457 10.35 18.25 23.52
C PRO A 457 11.20 17.87 24.72
N LEU A 458 10.66 17.02 25.56
CA LEU A 458 11.38 16.57 26.76
C LEU A 458 12.66 15.79 26.47
N ASP A 459 12.79 15.27 25.25
CA ASP A 459 14.02 14.59 24.81
C ASP A 459 15.05 15.54 24.20
N LEU A 460 14.81 16.85 24.27
CA LEU A 460 15.72 17.82 23.67
C LEU A 460 17.17 17.75 24.18
N PRO A 461 17.36 17.62 25.51
CA PRO A 461 18.74 17.60 26.00
C PRO A 461 19.61 16.47 25.40
N PRO A 462 19.17 15.20 25.48
CA PRO A 462 20.01 14.15 24.87
C PRO A 462 20.20 14.31 23.36
N ILE A 463 19.17 14.79 22.69
CA ILE A 463 19.27 15.03 21.24
C ILE A 463 20.37 16.08 20.95
N ILE A 464 20.42 17.11 21.77
CA ILE A 464 21.39 18.22 21.60
C ILE A 464 22.81 17.74 21.86
N GLN A 465 22.96 16.95 22.92
CA GLN A 465 24.26 16.39 23.30
C GLN A 465 24.86 15.56 22.17
N ARG A 466 24.01 14.76 21.53
CA ARG A 466 24.44 13.87 20.43
C ARG A 466 24.82 14.64 19.19
N LEU A 467 24.02 15.64 18.88
CA LEU A 467 24.19 16.46 17.68
C LEU A 467 25.28 17.51 17.83
N HIS A 468 25.44 18.06 19.04
CA HIS A 468 26.34 19.20 19.25
C HIS A 468 27.40 19.04 20.30
N GLY A 469 27.31 18.01 21.14
CA GLY A 469 28.24 17.84 22.25
C GLY A 469 27.77 18.57 23.49
N LEU A 470 28.34 18.21 24.65
CA LEU A 470 27.97 18.80 25.95
C LEU A 470 28.21 20.30 25.99
N SER A 471 29.15 20.78 25.18
CA SER A 471 29.54 22.19 25.17
C SER A 471 28.38 23.13 24.82
N ALA A 472 27.43 22.61 24.06
CA ALA A 472 26.25 23.36 23.62
C ALA A 472 25.45 23.95 24.78
N PHE A 473 25.59 23.37 25.97
CA PHE A 473 24.93 23.87 27.18
C PHE A 473 25.79 24.83 28.02
N SER A 474 27.01 25.09 27.56
CA SER A 474 27.97 25.89 28.32
C SER A 474 28.62 27.04 27.55
N LEU A 475 28.18 27.30 26.33
CA LEU A 475 28.85 28.33 25.51
C LEU A 475 28.62 29.72 26.05
N HIS A 476 29.69 30.48 26.13
CA HIS A 476 29.64 31.89 26.53
C HIS A 476 30.64 32.69 25.74
N SER A 477 30.70 33.99 25.99
CA SER A 477 31.58 34.89 25.24
C SER A 477 31.46 34.63 23.74
N TYR A 478 30.26 34.89 23.23
CA TYR A 478 29.99 34.89 21.80
C TYR A 478 30.66 36.10 21.16
N SER A 479 30.76 36.07 19.84
CA SER A 479 31.49 37.12 19.13
C SER A 479 30.65 38.43 19.08
N PRO A 480 31.33 39.59 19.01
CA PRO A 480 30.62 40.88 18.93
C PRO A 480 29.74 41.02 17.70
N GLY A 481 30.20 40.47 16.58
CA GLY A 481 29.39 40.49 15.35
C GLY A 481 28.08 39.74 15.54
N GLU A 482 28.17 38.59 16.20
CA GLU A 482 27.02 37.70 16.39
C GLU A 482 26.02 38.30 17.38
N ILE A 483 26.56 38.88 18.44
CA ILE A 483 25.73 39.58 19.42
C ILE A 483 25.01 40.76 18.76
N ASN A 484 25.74 41.53 17.97
CA ASN A 484 25.19 42.70 17.26
C ASN A 484 24.09 42.31 16.27
N ARG A 485 24.31 41.22 15.53
CA ARG A 485 23.31 40.72 14.59
C ARG A 485 22.04 40.27 15.31
N VAL A 486 22.18 39.59 16.45
CA VAL A 486 21.01 39.21 17.24
C VAL A 486 20.31 40.47 17.77
N ALA A 487 21.10 41.37 18.36
CA ALA A 487 20.56 42.64 18.89
C ALA A 487 19.73 43.39 17.85
N ALA A 488 20.28 43.51 16.64
CA ALA A 488 19.64 44.26 15.56
C ALA A 488 18.32 43.60 15.17
N CYS A 489 18.32 42.27 15.20
CA CYS A 489 17.13 41.47 14.90
C CYS A 489 16.01 41.72 15.94
N LEU A 490 16.40 41.75 17.21
CA LEU A 490 15.46 42.03 18.31
C LEU A 490 14.78 43.39 18.19
N ARG A 491 15.59 44.40 17.89
CA ARG A 491 15.08 45.74 17.67
C ARG A 491 14.09 45.78 16.51
N LYS A 492 14.50 45.20 15.39
CA LYS A 492 13.69 45.19 14.16
C LYS A 492 12.32 44.54 14.40
N LEU A 493 12.32 43.41 15.09
CA LEU A 493 11.11 42.59 15.26
C LEU A 493 10.27 42.91 16.50
N GLY A 494 10.79 43.75 17.38
CA GLY A 494 10.09 44.07 18.63
C GLY A 494 10.06 42.86 19.55
N VAL A 495 11.16 42.12 19.57
CA VAL A 495 11.40 41.03 20.50
C VAL A 495 12.04 41.59 21.78
N PRO A 496 11.61 41.14 22.98
CA PRO A 496 12.24 41.66 24.19
C PRO A 496 13.74 41.38 24.25
N PRO A 497 14.50 42.23 24.96
CA PRO A 497 15.96 42.04 25.03
C PRO A 497 16.39 40.79 25.80
N LEU A 498 17.63 40.37 25.57
CA LEU A 498 18.18 39.12 26.11
C LEU A 498 18.06 39.01 27.62
N ARG A 499 18.26 40.11 28.33
CA ARG A 499 18.18 40.09 29.80
C ARG A 499 16.76 39.80 30.28
N ALA A 500 15.77 40.30 29.54
CA ALA A 500 14.38 39.99 29.83
C ALA A 500 14.16 38.48 29.72
N TRP A 501 14.74 37.87 28.69
CA TRP A 501 14.60 36.42 28.46
C TRP A 501 15.28 35.64 29.53
N ARG A 502 16.42 36.14 29.99
CA ARG A 502 17.15 35.51 31.09
C ARG A 502 16.26 35.38 32.31
N HIS A 503 15.60 36.48 32.67
CA HIS A 503 14.65 36.47 33.82
C HIS A 503 13.57 35.44 33.69
N ARG A 504 13.00 35.37 32.48
CA ARG A 504 11.92 34.44 32.18
C ARG A 504 12.42 33.00 32.25
N ALA A 505 13.59 32.78 31.67
CA ALA A 505 14.25 31.46 31.64
C ALA A 505 14.48 30.89 33.04
N ARG A 506 14.76 31.77 33.99
CA ARG A 506 15.02 31.36 35.39
C ARG A 506 13.74 30.80 36.00
N SER A 507 12.63 31.45 35.66
CA SER A 507 11.33 31.06 36.14
C SER A 507 10.93 29.71 35.51
N VAL A 508 11.03 29.63 34.19
CA VAL A 508 10.80 28.38 33.44
C VAL A 508 11.67 27.23 33.99
N ARG A 509 12.95 27.50 34.16
CA ARG A 509 13.90 26.52 34.72
C ARG A 509 13.40 25.94 36.03
N ALA A 510 12.98 26.82 36.93
CA ALA A 510 12.46 26.44 38.24
C ALA A 510 11.26 25.51 38.08
N ARG A 511 10.29 25.93 37.27
CA ARG A 511 9.07 25.13 37.01
C ARG A 511 9.42 23.75 36.44
N LEU A 512 10.43 23.72 35.58
CA LEU A 512 10.88 22.46 34.97
C LEU A 512 11.55 21.53 35.99
N LEU A 513 12.41 22.09 36.83
CA LEU A 513 13.10 21.30 37.87
C LEU A 513 12.14 20.64 38.87
N SER A 514 11.05 21.35 39.17
CA SER A 514 10.05 20.89 40.15
C SER A 514 9.17 19.75 39.64
N ARG A 515 9.15 19.54 38.34
CA ARG A 515 8.37 18.44 37.73
C ARG A 515 9.13 17.09 37.75
N GLY A 516 10.43 17.16 38.01
CA GLY A 516 11.29 15.97 38.07
C GLY A 516 11.53 15.33 36.72
N GLY A 517 12.19 14.18 36.74
CA GLY A 517 12.39 13.36 35.55
C GLY A 517 13.01 14.09 34.36
N ARG A 518 12.44 13.84 33.19
CA ARG A 518 12.97 14.41 31.95
C ARG A 518 12.83 15.94 31.91
N ALA A 519 11.76 16.46 32.49
CA ALA A 519 11.53 17.91 32.57
C ALA A 519 12.62 18.56 33.42
N ALA A 520 13.05 17.86 34.46
CA ALA A 520 14.12 18.35 35.33
C ALA A 520 15.43 18.49 34.57
N ILE A 521 15.68 17.52 33.70
CA ILE A 521 16.90 17.48 32.90
C ILE A 521 16.88 18.64 31.89
N CYS A 522 15.70 18.96 31.38
CA CYS A 522 15.53 20.12 30.51
C CYS A 522 15.91 21.39 31.25
N GLY A 523 15.38 21.54 32.45
CA GLY A 523 15.66 22.71 33.27
C GLY A 523 17.13 22.83 33.59
N LYS A 524 17.74 21.68 33.90
CA LYS A 524 19.12 21.58 34.34
C LYS A 524 20.09 21.96 33.22
N TYR A 525 19.93 21.32 32.07
CA TYR A 525 20.90 21.44 30.98
C TYR A 525 20.60 22.58 30.02
N LEU A 526 19.33 22.74 29.67
CA LEU A 526 18.95 23.79 28.71
C LEU A 526 19.07 25.20 29.28
N PHE A 527 18.92 25.33 30.59
CA PHE A 527 18.86 26.65 31.22
C PHE A 527 19.92 26.87 32.28
N ASN A 528 21.02 26.13 32.20
CA ASN A 528 22.16 26.36 33.09
C ASN A 528 22.76 27.76 32.91
N TRP A 529 22.75 28.25 31.66
CA TRP A 529 23.19 29.62 31.34
C TRP A 529 22.45 30.73 32.05
N ALA A 530 21.22 30.47 32.49
CA ALA A 530 20.35 31.50 33.08
C ALA A 530 20.63 31.80 34.57
N VAL A 531 21.48 30.99 35.19
CA VAL A 531 21.85 31.14 36.60
C VAL A 531 23.36 31.18 36.83
N ARG A 532 23.78 31.99 37.80
CA ARG A 532 25.21 32.13 38.18
C ARG A 532 25.72 30.90 38.94
N THR A 533 24.90 30.39 39.86
CA THR A 533 25.28 29.23 40.67
C THR A 533 24.98 27.99 39.82
N LYS A 534 26.01 27.56 39.10
CA LYS A 534 25.86 26.56 38.02
C LYS A 534 25.92 25.12 38.50
N LEU A 535 25.02 24.32 37.98
CA LEU A 535 25.02 22.88 38.21
C LEU A 535 26.02 22.18 37.31
N LYS A 536 26.52 21.03 37.77
CA LYS A 536 27.47 20.25 36.99
C LYS A 536 26.77 19.48 35.89
N LEU A 537 27.07 19.84 34.65
CA LEU A 537 26.50 19.15 33.48
C LEU A 537 27.36 17.96 33.06
N THR A 538 26.87 16.77 33.35
CA THR A 538 27.54 15.51 32.98
C THR A 538 26.79 14.79 31.86
N PRO A 539 27.47 13.90 31.13
CA PRO A 539 26.81 13.29 29.98
C PRO A 539 25.51 12.62 30.37
N ILE A 540 24.48 12.82 29.54
CA ILE A 540 23.17 12.27 29.85
C ILE A 540 23.12 10.82 29.39
N ALA A 541 22.53 9.97 30.23
CA ALA A 541 22.42 8.54 29.94
C ALA A 541 21.55 8.30 28.71
N ALA A 542 20.45 9.05 28.63
CA ALA A 542 19.47 8.90 27.55
C ALA A 542 20.08 9.07 26.16
N ALA A 543 21.07 9.94 26.05
CA ALA A 543 21.75 10.22 24.76
C ALA A 543 22.38 8.94 24.21
N GLY A 544 23.03 8.22 25.12
CA GLY A 544 23.65 6.93 24.80
C GLY A 544 22.63 5.89 24.38
N GLN A 545 21.45 5.94 24.99
CA GLN A 545 20.38 4.97 24.74
C GLN A 545 19.47 5.39 23.59
N LEU A 546 19.92 6.38 22.81
CA LEU A 546 19.27 6.81 21.56
C LEU A 546 20.07 6.54 20.29
N ALA A 547 19.35 6.12 19.25
CA ALA A 547 19.92 5.95 17.91
C ALA A 547 19.44 7.12 17.06
N LEU A 548 20.38 7.96 16.64
CA LEU A 548 20.07 9.15 15.85
C LEU A 548 20.63 9.11 14.44
N SER A 549 21.06 7.92 14.01
CA SER A 549 21.78 7.77 12.71
C SER A 549 21.00 8.28 11.48
N GLY A 550 19.73 7.88 11.40
CA GLY A 550 18.90 8.16 10.22
C GLY A 550 18.76 9.65 10.01
N TRP A 551 19.20 10.41 10.99
CA TRP A 551 19.05 11.85 10.97
C TRP A 551 19.88 12.47 9.89
N PHE A 552 21.06 11.89 9.66
CA PHE A 552 21.98 12.45 8.66
C PHE A 552 22.36 11.41 7.61
N THR A 553 21.31 10.75 7.11
CA THR A 553 21.34 9.95 5.87
C THR A 553 20.14 10.22 4.88
N ALA A 554 18.91 10.30 5.42
CA ALA A 554 17.66 10.12 4.63
C ALA A 554 16.79 11.34 4.19
N GLY A 555 17.30 12.56 4.26
CA GLY A 555 16.46 13.77 4.18
C GLY A 555 16.33 14.35 2.79
N TYR A 556 15.09 14.54 2.38
CA TYR A 556 14.78 15.14 1.10
C TYR A 556 13.63 16.11 1.25
N SER A 557 13.90 17.38 0.96
CA SER A 557 12.90 18.47 1.04
C SER A 557 11.69 18.23 0.12
N GLY A 558 11.95 17.77 -1.10
CA GLY A 558 10.83 17.48 -2.02
C GLY A 558 10.02 16.28 -1.59
N GLY A 559 10.65 15.46 -0.75
CA GLY A 559 10.34 14.04 -0.61
C GLY A 559 9.16 13.48 0.14
N ASP A 560 8.52 14.25 1.02
CA ASP A 560 7.36 13.71 1.74
C ASP A 560 7.80 12.49 2.59
N ILE A 561 8.84 12.68 3.38
CA ILE A 561 9.44 11.61 4.21
C ILE A 561 9.21 11.79 5.71
N TYR A 562 8.79 10.71 6.35
CA TYR A 562 8.54 10.65 7.80
C TYR A 562 9.33 9.53 8.47
N HIS A 563 10.01 9.86 9.55
CA HIS A 563 10.74 8.86 10.36
C HIS A 563 10.18 8.67 11.75
N SER B 2 -16.17 -24.97 24.04
CA SER B 2 -17.32 -25.92 24.02
C SER B 2 -17.21 -26.89 22.85
N MET B 3 -18.09 -27.89 22.88
CA MET B 3 -18.14 -28.90 21.83
C MET B 3 -18.76 -28.26 20.60
N SER B 4 -18.13 -28.47 19.46
CA SER B 4 -18.62 -27.95 18.18
C SER B 4 -20.05 -28.45 17.89
N TYR B 5 -20.29 -29.73 18.20
CA TYR B 5 -21.63 -30.32 18.11
C TYR B 5 -21.89 -31.27 19.26
N SER B 6 -23.17 -31.40 19.59
CA SER B 6 -23.66 -32.47 20.45
C SER B 6 -24.72 -33.23 19.67
N TRP B 7 -24.57 -34.55 19.64
CA TRP B 7 -25.40 -35.41 18.80
C TRP B 7 -26.31 -36.23 19.62
N THR B 8 -27.52 -36.47 19.11
CA THR B 8 -28.51 -37.27 19.84
C THR B 8 -28.42 -38.75 19.53
N GLY B 9 -27.84 -39.08 18.39
CA GLY B 9 -27.81 -40.47 17.90
C GLY B 9 -28.57 -40.65 16.59
N ALA B 10 -29.63 -39.84 16.42
CA ALA B 10 -30.38 -39.80 15.17
C ALA B 10 -29.47 -39.63 13.96
N LEU B 11 -29.82 -40.28 12.86
CA LEU B 11 -28.98 -40.22 11.66
C LEU B 11 -29.31 -38.98 10.82
N VAL B 12 -28.33 -38.53 10.06
CA VAL B 12 -28.57 -37.58 8.96
C VAL B 12 -29.23 -38.38 7.83
N THR B 13 -30.41 -37.96 7.42
CA THR B 13 -31.24 -38.72 6.48
C THR B 13 -31.42 -38.00 5.15
N PRO B 14 -31.57 -38.76 4.05
CA PRO B 14 -31.74 -38.14 2.75
C PRO B 14 -33.17 -37.70 2.49
N CYS B 15 -33.30 -36.74 1.59
CA CYS B 15 -34.61 -36.23 1.15
C CYS B 15 -35.11 -36.90 -0.10
N ALA B 16 -34.21 -37.58 -0.82
CA ALA B 16 -34.58 -38.26 -2.07
C ALA B 16 -33.60 -39.40 -2.34
N ALA B 17 -33.82 -40.14 -3.42
CA ALA B 17 -32.88 -41.20 -3.85
C ALA B 17 -31.47 -40.63 -3.98
N GLU B 18 -30.46 -41.43 -3.64
CA GLU B 18 -29.06 -41.01 -3.71
C GLU B 18 -28.19 -42.00 -4.48
N GLU B 19 -27.84 -41.67 -5.72
CA GLU B 19 -26.97 -42.54 -6.50
C GLU B 19 -25.56 -42.43 -5.97
N GLN B 20 -24.97 -43.58 -5.64
CA GLN B 20 -23.56 -43.63 -5.21
C GLN B 20 -22.52 -43.63 -6.36
N LYS B 21 -22.78 -44.42 -7.38
CA LYS B 21 -21.81 -44.70 -8.43
C LYS B 21 -22.21 -44.05 -9.75
N LEU B 22 -21.20 -43.64 -10.51
CA LEU B 22 -21.40 -43.00 -11.81
C LEU B 22 -22.15 -43.92 -12.77
N PRO B 23 -23.36 -43.53 -13.21
CA PRO B 23 -24.08 -44.46 -14.11
C PRO B 23 -23.41 -44.59 -15.46
N ILE B 24 -23.60 -45.76 -16.08
CA ILE B 24 -23.13 -46.00 -17.45
C ILE B 24 -24.07 -45.29 -18.42
N ASN B 25 -23.49 -44.36 -19.14
CA ASN B 25 -24.17 -43.61 -20.19
C ASN B 25 -23.14 -43.40 -21.30
N ALA B 26 -23.54 -43.59 -22.55
CA ALA B 26 -22.60 -43.58 -23.68
C ALA B 26 -21.82 -42.27 -23.75
N LEU B 27 -22.52 -41.16 -23.62
CA LEU B 27 -21.91 -39.83 -23.72
C LEU B 27 -20.96 -39.53 -22.55
N SER B 28 -21.35 -39.91 -21.34
CA SER B 28 -20.47 -39.71 -20.17
C SER B 28 -19.26 -40.64 -20.28
N ASN B 29 -19.50 -41.84 -20.79
CA ASN B 29 -18.46 -42.85 -21.02
C ASN B 29 -17.40 -42.43 -22.06
N SER B 30 -17.82 -41.62 -23.02
CA SER B 30 -16.88 -41.12 -24.03
C SER B 30 -15.85 -40.17 -23.44
N LEU B 31 -16.23 -39.46 -22.38
CA LEU B 31 -15.33 -38.62 -21.57
C LEU B 31 -14.40 -39.39 -20.61
N LEU B 32 -14.96 -40.33 -19.88
CA LEU B 32 -14.16 -41.19 -18.97
C LEU B 32 -14.84 -42.52 -18.77
N ARG B 33 -14.04 -43.57 -18.82
CA ARG B 33 -14.53 -44.94 -18.86
C ARG B 33 -14.40 -45.67 -17.54
N HIS B 34 -13.53 -45.20 -16.66
CA HIS B 34 -13.34 -45.83 -15.36
C HIS B 34 -14.38 -45.34 -14.38
N HIS B 35 -15.62 -45.71 -14.67
CA HIS B 35 -16.79 -45.25 -13.88
C HIS B 35 -16.79 -45.71 -12.45
N ASN B 36 -16.15 -46.86 -12.20
CA ASN B 36 -16.03 -47.43 -10.84
C ASN B 36 -15.21 -46.55 -9.89
N LEU B 37 -14.32 -45.75 -10.45
CA LEU B 37 -13.50 -44.81 -9.68
C LEU B 37 -14.24 -43.56 -9.24
N VAL B 38 -15.36 -43.27 -9.91
CA VAL B 38 -16.12 -42.06 -9.66
C VAL B 38 -17.33 -42.34 -8.77
N TYR B 39 -17.47 -41.57 -7.70
CA TYR B 39 -18.56 -41.75 -6.75
C TYR B 39 -19.17 -40.42 -6.28
N SER B 40 -20.41 -40.48 -5.81
CA SER B 40 -21.01 -39.35 -5.13
C SER B 40 -21.08 -39.66 -3.63
N THR B 41 -20.68 -38.68 -2.83
CA THR B 41 -20.89 -38.75 -1.39
C THR B 41 -22.39 -38.80 -1.11
N THR B 42 -22.75 -39.56 -0.07
CA THR B 42 -24.15 -39.69 0.35
C THR B 42 -24.31 -39.67 1.88
N SER B 43 -25.56 -39.64 2.31
CA SER B 43 -25.91 -39.67 3.73
C SER B 43 -25.42 -40.92 4.44
N ARG B 44 -25.09 -41.96 3.67
CA ARG B 44 -24.58 -43.21 4.23
C ARG B 44 -23.22 -43.02 4.94
N SER B 45 -22.51 -41.95 4.60
CA SER B 45 -21.21 -41.67 5.22
C SER B 45 -21.26 -40.48 6.20
N ALA B 46 -22.47 -40.08 6.58
CA ALA B 46 -22.65 -38.90 7.44
C ALA B 46 -22.04 -39.08 8.82
N CYS B 47 -22.17 -40.28 9.37
CA CYS B 47 -21.63 -40.60 10.71
C CYS B 47 -20.13 -40.40 10.75
N GLN B 48 -19.47 -40.85 9.70
CA GLN B 48 -18.03 -40.71 9.60
C GLN B 48 -17.63 -39.24 9.70
N ARG B 49 -18.38 -38.37 9.02
CA ARG B 49 -18.13 -36.93 9.02
C ARG B 49 -18.44 -36.31 10.37
N GLN B 50 -19.59 -36.68 10.92
CA GLN B 50 -19.98 -36.25 12.27
C GLN B 50 -18.87 -36.49 13.30
N LYS B 51 -18.22 -37.64 13.22
CA LYS B 51 -17.12 -37.98 14.13
C LYS B 51 -15.98 -36.96 14.00
N LYS B 52 -15.63 -36.65 12.75
CA LYS B 52 -14.49 -35.77 12.48
C LYS B 52 -14.72 -34.33 12.91
N VAL B 53 -15.96 -33.85 12.73
CA VAL B 53 -16.31 -32.43 12.95
C VAL B 53 -16.66 -32.08 14.41
N THR B 54 -16.72 -33.11 15.24
CA THR B 54 -17.09 -32.98 16.64
C THR B 54 -15.84 -32.94 17.51
N PHE B 55 -15.61 -31.81 18.16
CA PHE B 55 -14.53 -31.66 19.14
C PHE B 55 -14.66 -30.39 19.97
N ASP B 56 -13.91 -30.38 21.08
CA ASP B 56 -13.92 -29.25 21.98
C ASP B 56 -13.03 -28.16 21.40
N ARG B 57 -13.44 -26.91 21.55
CA ARG B 57 -12.59 -25.82 21.08
C ARG B 57 -11.98 -25.12 22.29
N LEU B 58 -10.67 -25.07 22.30
CA LEU B 58 -9.92 -24.27 23.28
C LEU B 58 -9.41 -23.07 22.52
N GLN B 59 -9.70 -21.88 23.03
CA GLN B 59 -9.35 -20.66 22.33
C GLN B 59 -8.67 -19.68 23.30
N VAL B 60 -7.52 -19.19 22.87
CA VAL B 60 -6.77 -18.22 23.64
C VAL B 60 -6.35 -17.06 22.75
N LEU B 61 -6.99 -15.92 22.94
CA LEU B 61 -6.69 -14.72 22.18
C LEU B 61 -5.54 -13.95 22.83
N ASP B 62 -4.81 -13.20 22.01
CA ASP B 62 -3.64 -12.42 22.47
C ASP B 62 -3.66 -11.02 21.88
N SER B 63 -2.61 -10.25 22.16
CA SER B 63 -2.54 -8.85 21.77
C SER B 63 -2.50 -8.64 20.25
N HIS B 64 -1.83 -9.54 19.53
CA HIS B 64 -1.76 -9.46 18.08
C HIS B 64 -3.12 -9.62 17.47
N TYR B 65 -3.87 -10.59 17.98
CA TYR B 65 -5.27 -10.79 17.59
C TYR B 65 -6.10 -9.54 17.83
N GLN B 66 -5.96 -8.96 19.02
CA GLN B 66 -6.76 -7.78 19.41
C GLN B 66 -6.38 -6.58 18.55
N ASP B 67 -5.07 -6.43 18.30
CA ASP B 67 -4.56 -5.37 17.43
C ASP B 67 -5.17 -5.45 16.03
N VAL B 68 -5.24 -6.67 15.49
CA VAL B 68 -5.78 -6.88 14.16
C VAL B 68 -7.29 -6.62 14.11
N LEU B 69 -8.01 -7.17 15.08
CA LEU B 69 -9.45 -6.96 15.20
C LEU B 69 -9.76 -5.46 15.23
N LYS B 70 -8.93 -4.70 15.95
CA LYS B 70 -9.05 -3.22 16.00
C LYS B 70 -8.95 -2.62 14.60
N GLU B 71 -7.96 -3.06 13.83
CA GLU B 71 -7.78 -2.59 12.44
C GLU B 71 -9.04 -2.87 11.61
N VAL B 72 -9.55 -4.08 11.78
CA VAL B 72 -10.73 -4.55 11.04
C VAL B 72 -11.97 -3.73 11.35
N LYS B 73 -12.24 -3.54 12.64
CA LYS B 73 -13.38 -2.73 13.06
C LYS B 73 -13.26 -1.31 12.52
N ALA B 74 -12.05 -0.76 12.58
CA ALA B 74 -11.76 0.57 12.01
C ALA B 74 -12.11 0.63 10.53
N ALA B 75 -11.67 -0.36 9.76
CA ALA B 75 -11.95 -0.40 8.32
C ALA B 75 -13.45 -0.58 8.04
N ALA B 76 -14.10 -1.43 8.83
CA ALA B 76 -15.51 -1.74 8.67
C ALA B 76 -16.36 -0.51 8.85
N SER B 77 -15.85 0.44 9.62
CA SER B 77 -16.56 1.69 9.93
C SER B 77 -16.68 2.64 8.75
N LYS B 78 -15.97 2.36 7.67
CA LYS B 78 -16.07 3.18 6.46
C LYS B 78 -17.16 2.69 5.52
N VAL B 79 -17.70 1.52 5.83
CA VAL B 79 -18.69 0.86 4.97
C VAL B 79 -20.10 1.31 5.27
N LYS B 80 -20.86 1.55 4.19
CA LYS B 80 -22.28 1.83 4.28
C LYS B 80 -23.06 0.72 3.55
N ALA B 81 -23.87 -0.01 4.31
CA ALA B 81 -24.67 -1.13 3.76
C ALA B 81 -26.16 -0.89 3.94
N ASN B 82 -26.95 -1.20 2.92
CA ASN B 82 -28.39 -0.93 2.93
C ASN B 82 -29.24 -2.17 3.22
N LEU B 83 -30.46 -1.90 3.65
CA LEU B 83 -31.48 -2.90 3.83
C LEU B 83 -32.13 -3.20 2.50
N LEU B 84 -32.10 -4.46 2.07
CA LEU B 84 -32.79 -4.88 0.84
C LEU B 84 -34.27 -4.99 1.15
N SER B 85 -35.09 -4.66 0.18
CA SER B 85 -36.54 -4.87 0.29
C SER B 85 -36.87 -6.35 0.13
N VAL B 86 -38.10 -6.69 0.49
CA VAL B 86 -38.62 -8.05 0.36
C VAL B 86 -38.51 -8.53 -1.09
N GLU B 87 -38.95 -7.67 -2.02
CA GLU B 87 -38.98 -7.98 -3.46
C GLU B 87 -37.57 -8.20 -4.01
N GLU B 88 -36.63 -7.37 -3.56
CA GLU B 88 -35.23 -7.47 -3.99
C GLU B 88 -34.58 -8.77 -3.50
N ALA B 89 -34.81 -9.09 -2.22
CA ALA B 89 -34.32 -10.33 -1.58
C ALA B 89 -34.89 -11.57 -2.26
N CYS B 90 -36.18 -11.47 -2.61
CA CYS B 90 -36.90 -12.56 -3.29
C CYS B 90 -36.26 -12.92 -4.63
N SER B 91 -35.83 -11.91 -5.37
CA SER B 91 -35.22 -12.11 -6.69
C SER B 91 -33.79 -12.66 -6.65
N LEU B 92 -33.15 -12.55 -5.49
CA LEU B 92 -31.84 -13.17 -5.25
C LEU B 92 -31.97 -14.64 -4.86
N THR B 93 -33.19 -15.14 -4.74
CA THR B 93 -33.46 -16.55 -4.45
C THR B 93 -33.41 -17.43 -5.72
N PRO B 94 -32.66 -18.54 -5.68
CA PRO B 94 -32.64 -19.45 -6.83
C PRO B 94 -33.95 -20.20 -6.98
N PRO B 95 -34.36 -20.50 -8.23
CA PRO B 95 -35.61 -21.25 -8.43
C PRO B 95 -35.57 -22.67 -7.87
N HIS B 96 -34.37 -23.22 -7.75
CA HIS B 96 -34.17 -24.60 -7.26
C HIS B 96 -34.03 -24.70 -5.75
N SER B 97 -34.16 -23.57 -5.06
CA SER B 97 -33.91 -23.50 -3.61
C SER B 97 -34.92 -24.33 -2.83
N ALA B 98 -34.47 -24.92 -1.72
CA ALA B 98 -35.30 -25.78 -0.89
C ALA B 98 -36.57 -25.07 -0.43
N LYS B 99 -37.70 -25.76 -0.59
CA LYS B 99 -38.99 -25.20 -0.24
C LYS B 99 -39.14 -25.01 1.26
N SER B 100 -40.02 -24.09 1.61
CA SER B 100 -40.34 -23.82 3.01
C SER B 100 -41.16 -24.96 3.59
N LYS B 101 -41.14 -25.05 4.91
CA LYS B 101 -42.02 -25.99 5.64
C LYS B 101 -43.44 -25.42 5.76
N TYR B 102 -43.61 -24.15 5.37
CA TYR B 102 -44.86 -23.40 5.59
C TYR B 102 -45.67 -23.13 4.31
N GLY B 103 -45.65 -24.09 3.39
CA GLY B 103 -46.62 -24.14 2.28
C GLY B 103 -46.30 -23.33 1.04
N TYR B 104 -45.02 -23.08 0.81
CA TYR B 104 -44.60 -22.43 -0.44
C TYR B 104 -43.15 -22.76 -0.75
N GLY B 105 -42.75 -22.45 -1.97
CA GLY B 105 -41.41 -22.77 -2.47
C GLY B 105 -40.71 -21.61 -3.16
N ALA B 106 -39.58 -21.93 -3.80
CA ALA B 106 -38.74 -20.94 -4.46
C ALA B 106 -39.47 -20.21 -5.59
N LYS B 107 -40.30 -20.93 -6.33
CA LYS B 107 -41.05 -20.34 -7.45
C LYS B 107 -42.00 -19.25 -6.94
N ASP B 108 -42.59 -19.51 -5.78
CA ASP B 108 -43.52 -18.60 -5.11
C ASP B 108 -42.83 -17.37 -4.54
N VAL B 109 -41.64 -17.58 -4.00
CA VAL B 109 -40.82 -16.47 -3.54
C VAL B 109 -40.46 -15.57 -4.71
N ARG B 110 -40.03 -16.19 -5.79
CA ARG B 110 -39.56 -15.46 -6.98
C ARG B 110 -40.65 -14.67 -7.72
N SER B 111 -41.90 -15.12 -7.60
CA SER B 111 -43.03 -14.41 -8.23
C SER B 111 -43.86 -13.60 -7.22
N HIS B 112 -43.31 -13.45 -6.01
CA HIS B 112 -43.88 -12.56 -4.97
C HIS B 112 -45.28 -12.91 -4.58
N ALA B 113 -45.58 -14.20 -4.53
CA ALA B 113 -46.89 -14.69 -4.11
C ALA B 113 -47.24 -14.26 -2.69
N SER B 114 -48.54 -14.03 -2.47
CA SER B 114 -49.01 -13.49 -1.19
C SER B 114 -48.65 -14.37 0.01
N ARG B 115 -48.73 -15.68 -0.14
CA ARG B 115 -48.39 -16.60 0.96
C ARG B 115 -46.91 -16.50 1.34
N ALA B 116 -46.05 -16.39 0.33
CA ALA B 116 -44.60 -16.31 0.55
C ALA B 116 -44.22 -15.02 1.25
N VAL B 117 -44.72 -13.91 0.73
CA VAL B 117 -44.44 -12.58 1.26
C VAL B 117 -45.05 -12.40 2.63
N ALA B 118 -46.21 -13.01 2.84
CA ALA B 118 -46.89 -12.96 4.15
C ALA B 118 -46.02 -13.64 5.21
N HIS B 119 -45.47 -14.79 4.87
CA HIS B 119 -44.62 -15.56 5.81
C HIS B 119 -43.30 -14.87 6.04
N ILE B 120 -42.70 -14.38 4.96
CA ILE B 120 -41.39 -13.69 5.00
C ILE B 120 -41.45 -12.46 5.89
N ASN B 121 -42.51 -11.67 5.71
CA ASN B 121 -42.80 -10.52 6.57
C ASN B 121 -42.95 -10.90 8.04
N SER B 122 -43.63 -12.02 8.29
CA SER B 122 -43.88 -12.50 9.67
C SER B 122 -42.59 -12.99 10.32
N VAL B 123 -41.76 -13.65 9.52
CA VAL B 123 -40.42 -14.06 9.95
C VAL B 123 -39.56 -12.83 10.30
N TRP B 124 -39.68 -11.79 9.48
CA TRP B 124 -38.94 -10.54 9.71
C TRP B 124 -39.38 -9.83 10.95
N LYS B 125 -40.69 -9.80 11.14
CA LYS B 125 -41.28 -9.16 12.32
C LYS B 125 -40.78 -9.87 13.57
N ASP B 126 -40.78 -11.18 13.48
CA ASP B 126 -40.31 -12.05 14.58
C ASP B 126 -38.83 -11.81 14.90
N LEU B 127 -38.02 -11.56 13.87
CA LEU B 127 -36.59 -11.26 14.10
C LEU B 127 -36.43 -9.98 14.92
N LEU B 128 -37.24 -8.98 14.60
CA LEU B 128 -37.23 -7.70 15.34
C LEU B 128 -37.72 -7.87 16.77
N GLU B 129 -38.73 -8.71 16.96
CA GLU B 129 -39.39 -8.89 18.26
C GLU B 129 -38.68 -9.85 19.22
N ASP B 130 -38.05 -10.88 18.66
CA ASP B 130 -37.37 -11.92 19.45
C ASP B 130 -35.89 -11.98 19.06
N SER B 131 -35.03 -11.78 20.04
CA SER B 131 -33.59 -11.85 19.82
C SER B 131 -32.90 -13.05 20.50
N VAL B 132 -33.67 -13.95 21.12
CA VAL B 132 -33.07 -15.06 21.90
C VAL B 132 -33.39 -16.50 21.45
N THR B 133 -34.63 -16.75 21.02
CA THR B 133 -35.06 -18.13 20.71
C THR B 133 -34.30 -18.71 19.50
N PRO B 134 -33.61 -19.85 19.72
CA PRO B 134 -32.88 -20.46 18.64
C PRO B 134 -33.78 -20.87 17.49
N ILE B 135 -33.27 -20.62 16.31
CA ILE B 135 -34.02 -20.86 15.09
C ILE B 135 -33.65 -22.24 14.59
N ASP B 136 -34.67 -22.97 14.15
CA ASP B 136 -34.48 -24.33 13.67
C ASP B 136 -33.73 -24.37 12.35
N THR B 137 -32.92 -25.41 12.23
CA THR B 137 -32.20 -25.71 11.00
C THR B 137 -32.33 -27.16 10.60
N THR B 138 -32.19 -27.40 9.31
CA THR B 138 -32.12 -28.75 8.78
C THR B 138 -30.66 -29.17 8.55
N ILE B 139 -30.36 -30.42 8.88
CA ILE B 139 -29.05 -30.99 8.56
C ILE B 139 -29.18 -32.02 7.45
N MET B 140 -28.36 -31.85 6.42
CA MET B 140 -28.33 -32.74 5.24
C MET B 140 -26.91 -33.10 4.85
N ALA B 141 -26.77 -34.23 4.18
CA ALA B 141 -25.52 -34.68 3.58
C ALA B 141 -25.43 -34.18 2.14
N LYS B 142 -24.41 -33.39 1.85
CA LYS B 142 -24.17 -32.94 0.49
C LYS B 142 -23.86 -34.14 -0.39
N ASN B 143 -24.45 -34.14 -1.58
CA ASN B 143 -24.13 -35.11 -2.62
C ASN B 143 -23.18 -34.45 -3.61
N GLU B 144 -21.88 -34.71 -3.41
CA GLU B 144 -20.81 -34.18 -4.26
C GLU B 144 -19.99 -35.33 -4.89
N VAL B 145 -19.55 -35.10 -6.11
CA VAL B 145 -18.86 -36.12 -6.88
C VAL B 145 -17.34 -35.97 -6.82
N PHE B 146 -16.69 -37.11 -6.63
CA PHE B 146 -15.23 -37.23 -6.58
C PHE B 146 -14.74 -38.46 -7.31
N CYS B 147 -13.43 -38.50 -7.51
CA CYS B 147 -12.72 -39.71 -7.92
C CYS B 147 -12.02 -40.30 -6.72
N VAL B 148 -12.12 -41.62 -6.56
CA VAL B 148 -11.43 -42.28 -5.45
C VAL B 148 -9.93 -42.07 -5.60
N GLN B 149 -9.27 -41.75 -4.49
CA GLN B 149 -7.81 -41.72 -4.42
C GLN B 149 -7.42 -42.84 -3.45
N PRO B 150 -7.12 -44.05 -3.98
CA PRO B 150 -6.77 -45.19 -3.12
C PRO B 150 -5.57 -44.96 -2.23
N GLU B 151 -4.59 -44.22 -2.75
CA GLU B 151 -3.38 -43.84 -1.99
C GLU B 151 -3.74 -43.07 -0.72
N LYS B 152 -4.81 -42.27 -0.80
CA LYS B 152 -5.23 -41.40 0.31
C LYS B 152 -6.39 -42.00 1.12
N GLY B 153 -6.51 -43.32 1.09
CA GLY B 153 -7.50 -44.07 1.88
C GLY B 153 -8.82 -44.27 1.17
N GLY B 154 -9.90 -44.44 1.95
CA GLY B 154 -11.24 -44.65 1.40
C GLY B 154 -11.89 -43.39 0.80
N ARG B 155 -13.08 -43.56 0.25
CA ARG B 155 -13.80 -42.44 -0.35
C ARG B 155 -14.02 -41.38 0.72
N LYS B 156 -14.18 -40.12 0.31
CA LYS B 156 -14.43 -39.03 1.27
C LYS B 156 -15.82 -39.12 1.83
N PRO B 157 -15.98 -38.88 3.14
CA PRO B 157 -17.30 -38.81 3.73
C PRO B 157 -18.02 -37.53 3.32
N ALA B 158 -19.35 -37.59 3.28
CA ALA B 158 -20.16 -36.46 2.83
C ALA B 158 -19.96 -35.25 3.72
N ARG B 159 -19.96 -34.07 3.12
CA ARG B 159 -20.02 -32.83 3.88
C ARG B 159 -21.44 -32.62 4.40
N LEU B 160 -21.51 -31.99 5.57
CA LEU B 160 -22.79 -31.67 6.18
C LEU B 160 -23.18 -30.24 5.86
N ILE B 161 -24.37 -30.06 5.27
CA ILE B 161 -24.93 -28.73 5.05
C ILE B 161 -26.02 -28.47 6.12
N VAL B 162 -25.90 -27.33 6.79
CA VAL B 162 -26.85 -26.90 7.80
C VAL B 162 -27.47 -25.56 7.37
N PHE B 163 -28.80 -25.53 7.26
CA PHE B 163 -29.52 -24.36 6.75
C PHE B 163 -30.88 -24.13 7.40
N PRO B 164 -31.31 -22.87 7.50
CA PRO B 164 -32.63 -22.59 8.05
C PRO B 164 -33.70 -22.63 6.95
N ASP B 165 -34.95 -22.44 7.36
CA ASP B 165 -36.09 -22.45 6.43
C ASP B 165 -35.99 -21.32 5.39
N LEU B 166 -36.66 -21.54 4.27
CA LEU B 166 -36.63 -20.61 3.12
C LEU B 166 -36.95 -19.18 3.56
N GLY B 167 -37.93 -19.04 4.44
CA GLY B 167 -38.36 -17.73 4.91
C GLY B 167 -37.28 -16.97 5.65
N VAL B 168 -36.52 -17.68 6.45
CA VAL B 168 -35.42 -17.09 7.18
C VAL B 168 -34.32 -16.68 6.21
N ARG B 169 -34.08 -17.53 5.22
CA ARG B 169 -33.01 -17.29 4.24
C ARG B 169 -33.26 -16.01 3.44
N VAL B 170 -34.52 -15.74 3.14
CA VAL B 170 -34.91 -14.47 2.49
C VAL B 170 -34.63 -13.28 3.40
N CYS B 171 -34.99 -13.42 4.66
CA CYS B 171 -34.73 -12.37 5.66
C CYS B 171 -33.23 -12.11 5.87
N GLU B 172 -32.41 -13.13 5.70
CA GLU B 172 -30.94 -13.00 5.81
C GLU B 172 -30.45 -12.05 4.73
N LYS B 173 -31.00 -12.20 3.53
CA LYS B 173 -30.66 -11.32 2.40
C LYS B 173 -31.04 -9.88 2.68
N MET B 174 -32.23 -9.70 3.23
CA MET B 174 -32.73 -8.36 3.55
C MET B 174 -31.75 -7.65 4.49
N ALA B 175 -31.36 -8.37 5.52
CA ALA B 175 -30.50 -7.83 6.57
C ALA B 175 -29.04 -7.68 6.14
N LEU B 176 -28.52 -8.67 5.42
CA LEU B 176 -27.06 -8.83 5.30
C LEU B 176 -26.45 -8.93 3.90
N TYR B 177 -27.28 -9.01 2.87
CA TYR B 177 -26.74 -9.20 1.52
C TYR B 177 -25.76 -8.10 1.12
N ASP B 178 -26.13 -6.88 1.40
CA ASP B 178 -25.29 -5.73 1.05
C ASP B 178 -24.00 -5.70 1.90
N VAL B 179 -24.12 -6.15 3.13
CA VAL B 179 -22.97 -6.25 4.03
C VAL B 179 -21.95 -7.28 3.58
N VAL B 180 -22.41 -8.51 3.30
CA VAL B 180 -21.46 -9.56 2.89
C VAL B 180 -20.87 -9.26 1.51
N SER B 181 -21.60 -8.48 0.72
CA SER B 181 -21.14 -8.00 -0.59
C SER B 181 -20.09 -6.89 -0.59
N LYS B 182 -20.06 -6.09 0.47
CA LYS B 182 -19.18 -4.89 0.55
C LYS B 182 -18.08 -4.97 1.60
N LEU B 183 -18.41 -5.56 2.73
CA LEU B 183 -17.56 -5.48 3.93
C LEU B 183 -16.19 -6.16 3.83
N PRO B 184 -16.15 -7.42 3.40
CA PRO B 184 -14.88 -8.12 3.34
C PRO B 184 -13.81 -7.38 2.56
N LEU B 185 -14.19 -6.86 1.41
CA LEU B 185 -13.24 -6.14 0.55
C LEU B 185 -12.69 -4.91 1.28
N ALA B 186 -13.58 -4.15 1.89
CA ALA B 186 -13.17 -2.93 2.58
C ALA B 186 -12.20 -3.25 3.72
N VAL B 187 -12.48 -4.35 4.41
CA VAL B 187 -11.69 -4.79 5.55
C VAL B 187 -10.34 -5.38 5.19
N MET B 188 -10.34 -6.19 4.13
CA MET B 188 -9.18 -7.02 3.82
C MET B 188 -8.36 -6.50 2.66
N GLY B 189 -8.94 -5.59 1.90
CA GLY B 189 -8.29 -5.08 0.70
C GLY B 189 -7.90 -6.18 -0.28
N SER B 190 -6.61 -6.23 -0.62
CA SER B 190 -6.13 -7.12 -1.68
C SER B 190 -6.12 -8.58 -1.23
N SER B 191 -6.19 -8.80 0.07
CA SER B 191 -6.26 -10.15 0.60
C SER B 191 -7.59 -10.86 0.33
N TYR B 192 -8.65 -10.10 0.08
CA TYR B 192 -9.98 -10.68 -0.19
C TYR B 192 -10.01 -11.38 -1.55
N GLY B 193 -10.08 -12.69 -1.51
CA GLY B 193 -9.95 -13.52 -2.70
C GLY B 193 -11.06 -13.36 -3.71
N PHE B 194 -12.30 -13.25 -3.23
CA PHE B 194 -13.48 -13.29 -4.11
C PHE B 194 -13.66 -12.08 -5.02
N GLN B 195 -12.88 -11.03 -4.80
CA GLN B 195 -12.90 -9.86 -5.69
C GLN B 195 -12.28 -10.16 -7.05
N TYR B 196 -11.49 -11.22 -7.12
CA TYR B 196 -10.68 -11.51 -8.29
C TYR B 196 -11.30 -12.49 -9.29
N SER B 197 -11.25 -12.12 -10.56
CA SER B 197 -11.45 -13.09 -11.64
C SER B 197 -10.22 -14.01 -11.67
N PRO B 198 -10.28 -15.15 -12.38
CA PRO B 198 -9.13 -16.06 -12.46
C PRO B 198 -7.87 -15.37 -12.94
N GLY B 199 -8.04 -14.50 -13.94
CA GLY B 199 -6.95 -13.74 -14.51
C GLY B 199 -6.32 -12.78 -13.53
N GLN B 200 -7.18 -12.13 -12.76
CA GLN B 200 -6.74 -11.19 -11.73
C GLN B 200 -6.06 -11.90 -10.56
N ARG B 201 -6.57 -13.07 -10.21
CA ARG B 201 -5.99 -13.86 -9.11
C ARG B 201 -4.53 -14.24 -9.43
N VAL B 202 -4.32 -14.66 -10.68
CA VAL B 202 -2.99 -14.99 -11.19
C VAL B 202 -2.04 -13.78 -11.09
N GLU B 203 -2.50 -12.66 -11.64
CA GLU B 203 -1.75 -11.39 -11.61
C GLU B 203 -1.34 -11.02 -10.19
N PHE B 204 -2.27 -11.19 -9.27
CA PHE B 204 -2.04 -10.89 -7.88
C PHE B 204 -0.95 -11.79 -7.29
N LEU B 205 -1.04 -13.08 -7.57
CA LEU B 205 -0.09 -14.06 -7.04
C LEU B 205 1.28 -13.85 -7.65
N VAL B 206 1.30 -13.54 -8.94
CA VAL B 206 2.55 -13.34 -9.66
C VAL B 206 3.26 -12.10 -9.15
N GLN B 207 2.55 -10.99 -9.03
CA GLN B 207 3.13 -9.74 -8.51
C GLN B 207 3.60 -9.89 -7.07
N ALA B 208 2.82 -10.59 -6.25
CA ALA B 208 3.19 -10.86 -4.86
C ALA B 208 4.48 -11.66 -4.81
N TRP B 209 4.61 -12.62 -5.71
CA TRP B 209 5.77 -13.46 -5.81
C TRP B 209 6.99 -12.68 -6.23
N LYS B 210 6.80 -11.80 -7.20
CA LYS B 210 7.88 -10.99 -7.75
C LYS B 210 8.28 -9.86 -6.84
N SER B 211 7.37 -9.45 -5.96
CA SER B 211 7.62 -8.32 -5.05
C SER B 211 8.59 -8.65 -3.91
N LYS B 212 8.96 -9.93 -3.78
CA LYS B 212 9.91 -10.36 -2.75
C LYS B 212 11.28 -10.59 -3.36
N LYS B 213 12.31 -10.29 -2.59
CA LYS B 213 13.68 -10.54 -3.03
C LYS B 213 13.82 -12.04 -3.24
N THR B 214 13.49 -12.78 -2.19
CA THR B 214 13.55 -14.24 -2.20
C THR B 214 12.22 -14.77 -1.64
N PRO B 215 11.26 -15.08 -2.53
CA PRO B 215 9.91 -15.39 -2.07
C PRO B 215 9.78 -16.76 -1.46
N MET B 216 8.97 -16.81 -0.43
CA MET B 216 8.54 -18.07 0.17
C MET B 216 7.02 -18.02 0.30
N GLY B 217 6.39 -19.12 -0.02
CA GLY B 217 4.95 -19.24 0.08
C GLY B 217 4.48 -20.51 0.79
N PHE B 218 3.28 -20.46 1.33
CA PHE B 218 2.67 -21.65 1.91
C PHE B 218 1.17 -21.54 1.96
N SER B 219 0.52 -22.68 1.99
CA SER B 219 -0.90 -22.75 2.25
C SER B 219 -1.08 -23.30 3.65
N TYR B 220 -2.14 -22.85 4.29
CA TYR B 220 -2.51 -23.34 5.60
C TYR B 220 -3.91 -23.95 5.54
N ASP B 221 -3.95 -25.24 5.80
CA ASP B 221 -5.19 -26.01 5.78
C ASP B 221 -5.59 -26.34 7.20
N THR B 222 -6.63 -25.66 7.67
CA THR B 222 -7.21 -25.89 8.98
C THR B 222 -8.07 -27.15 8.94
N ARG B 223 -7.86 -28.02 9.90
CA ARG B 223 -8.73 -29.19 10.08
C ARG B 223 -10.12 -28.70 10.45
N CYS B 224 -11.08 -29.02 9.60
CA CYS B 224 -12.52 -28.74 9.86
C CYS B 224 -12.84 -27.31 10.28
N PHE B 225 -12.50 -26.36 9.43
CA PHE B 225 -12.57 -24.94 9.76
C PHE B 225 -13.90 -24.53 10.41
N ASP B 226 -15.00 -25.01 9.87
CA ASP B 226 -16.34 -24.65 10.37
C ASP B 226 -16.55 -25.01 11.84
N SER B 227 -16.02 -26.17 12.23
CA SER B 227 -16.07 -26.62 13.61
C SER B 227 -15.15 -25.80 14.51
N THR B 228 -14.09 -25.24 13.94
CA THR B 228 -13.13 -24.46 14.72
C THR B 228 -13.63 -23.05 15.05
N VAL B 229 -14.64 -22.59 14.30
CA VAL B 229 -15.23 -21.25 14.53
C VAL B 229 -16.07 -21.24 15.80
N THR B 230 -15.61 -20.49 16.79
CA THR B 230 -16.25 -20.46 18.11
C THR B 230 -17.40 -19.46 18.17
N GLU B 231 -18.19 -19.61 19.24
CA GLU B 231 -19.33 -18.71 19.52
C GLU B 231 -18.85 -17.26 19.56
N SER B 232 -17.70 -17.05 20.19
CA SER B 232 -17.12 -15.71 20.32
C SER B 232 -16.64 -15.15 18.98
N ASP B 233 -16.14 -16.03 18.13
CA ASP B 233 -15.76 -15.64 16.75
C ASP B 233 -17.00 -15.15 15.99
N ILE B 234 -18.08 -15.89 16.15
CA ILE B 234 -19.34 -15.56 15.50
C ILE B 234 -19.91 -14.23 16.02
N ARG B 235 -19.72 -13.98 17.32
CA ARG B 235 -20.16 -12.72 17.93
C ARG B 235 -19.25 -11.55 17.55
N THR B 236 -17.96 -11.83 17.41
CA THR B 236 -17.00 -10.84 16.94
C THR B 236 -17.37 -10.37 15.53
N GLU B 237 -17.75 -11.32 14.69
CA GLU B 237 -18.25 -11.03 13.35
C GLU B 237 -19.45 -10.05 13.39
N GLU B 238 -20.36 -10.29 14.32
CA GLU B 238 -21.55 -9.46 14.48
C GLU B 238 -21.16 -8.05 14.89
N ALA B 239 -20.27 -7.96 15.88
CA ALA B 239 -19.71 -6.66 16.29
C ALA B 239 -19.10 -5.91 15.09
N ILE B 240 -18.42 -6.64 14.22
CA ILE B 240 -17.77 -6.04 13.05
C ILE B 240 -18.82 -5.56 12.03
N TYR B 241 -19.85 -6.37 11.82
CA TYR B 241 -20.96 -5.98 10.93
C TYR B 241 -21.54 -4.67 11.45
N GLN B 242 -21.71 -4.59 12.78
CA GLN B 242 -22.32 -3.43 13.43
C GLN B 242 -21.43 -2.16 13.39
N CYS B 243 -20.19 -2.29 12.95
CA CYS B 243 -19.34 -1.10 12.71
C CYS B 243 -19.76 -0.32 11.46
N CYS B 244 -20.36 -0.99 10.50
CA CYS B 244 -20.89 -0.32 9.32
C CYS B 244 -22.00 0.63 9.66
N ASP B 245 -22.22 1.60 8.77
CA ASP B 245 -23.44 2.42 8.81
C ASP B 245 -24.58 1.55 8.31
N LEU B 246 -25.49 1.24 9.21
CA LEU B 246 -26.62 0.35 8.92
C LEU B 246 -27.96 1.01 9.21
N ASP B 247 -29.01 0.49 8.59
CA ASP B 247 -30.37 0.91 8.90
C ASP B 247 -30.70 0.35 10.30
N PRO B 248 -31.46 1.10 11.09
CA PRO B 248 -31.87 0.64 12.44
C PRO B 248 -32.45 -0.78 12.52
N GLN B 249 -33.39 -1.07 11.64
CA GLN B 249 -34.02 -2.40 11.59
C GLN B 249 -33.00 -3.47 11.28
N ALA B 250 -32.05 -3.13 10.42
CA ALA B 250 -31.00 -4.05 10.02
C ALA B 250 -30.16 -4.46 11.20
N ARG B 251 -29.86 -3.48 12.06
CA ARG B 251 -29.00 -3.75 13.24
C ARG B 251 -29.66 -4.76 14.16
N VAL B 252 -30.96 -4.60 14.35
CA VAL B 252 -31.75 -5.49 15.20
C VAL B 252 -31.79 -6.89 14.63
N ALA B 253 -32.08 -6.97 13.33
CA ALA B 253 -32.17 -8.27 12.64
C ALA B 253 -30.83 -9.00 12.60
N ILE B 254 -29.75 -8.27 12.35
CA ILE B 254 -28.40 -8.84 12.33
C ILE B 254 -28.07 -9.48 13.67
N LYS B 255 -28.36 -8.75 14.74
CA LYS B 255 -28.12 -9.21 16.10
C LYS B 255 -28.97 -10.44 16.45
N SER B 256 -30.23 -10.42 16.03
CA SER B 256 -31.13 -11.55 16.26
C SER B 256 -30.66 -12.80 15.52
N LEU B 257 -30.29 -12.61 14.26
CA LEU B 257 -29.85 -13.73 13.42
C LEU B 257 -28.54 -14.32 13.96
N THR B 258 -27.71 -13.46 14.53
CA THR B 258 -26.44 -13.90 15.13
C THR B 258 -26.70 -14.81 16.32
N GLU B 259 -27.53 -14.31 17.24
CA GLU B 259 -27.82 -15.03 18.49
C GLU B 259 -28.71 -16.24 18.29
N ARG B 260 -29.65 -16.17 17.37
CA ARG B 260 -30.64 -17.24 17.20
C ARG B 260 -30.29 -18.26 16.12
N LEU B 261 -29.36 -17.89 15.25
CA LEU B 261 -29.02 -18.74 14.12
C LEU B 261 -27.52 -18.98 13.99
N TYR B 262 -26.77 -17.92 13.81
CA TYR B 262 -25.32 -18.03 13.52
C TYR B 262 -24.49 -18.67 14.63
N VAL B 263 -24.69 -18.24 15.88
CA VAL B 263 -23.87 -18.77 16.99
C VAL B 263 -24.13 -20.26 17.19
N GLY B 264 -25.36 -20.67 16.92
CA GLY B 264 -25.73 -22.08 17.02
C GLY B 264 -27.22 -22.31 17.08
N GLY B 265 -27.60 -23.56 17.38
CA GLY B 265 -29.00 -23.95 17.45
C GLY B 265 -29.24 -25.42 17.17
N PRO B 266 -30.51 -25.83 17.23
CA PRO B 266 -30.85 -27.24 17.00
C PRO B 266 -30.75 -27.68 15.54
N LEU B 267 -30.42 -28.96 15.40
CA LEU B 267 -30.30 -29.60 14.10
C LEU B 267 -31.42 -30.63 13.97
N THR B 268 -32.22 -30.47 12.93
CA THR B 268 -33.30 -31.40 12.60
C THR B 268 -33.03 -32.08 11.26
N ASN B 269 -33.18 -33.41 11.23
CA ASN B 269 -32.98 -34.15 9.96
C ASN B 269 -34.20 -34.02 9.05
N SER B 270 -34.11 -34.61 7.87
CA SER B 270 -35.18 -34.51 6.85
C SER B 270 -36.49 -35.14 7.31
N ARG B 271 -36.40 -36.08 8.24
CA ARG B 271 -37.58 -36.76 8.79
C ARG B 271 -38.14 -36.07 10.03
N GLY B 272 -37.66 -34.87 10.33
CA GLY B 272 -38.16 -34.10 11.49
C GLY B 272 -37.56 -34.44 12.85
N GLU B 273 -36.65 -35.41 12.88
CA GLU B 273 -36.02 -35.86 14.13
C GLU B 273 -34.92 -34.91 14.57
N ASN B 274 -34.77 -34.80 15.88
CA ASN B 274 -33.75 -33.96 16.47
C ASN B 274 -32.40 -34.69 16.41
N CYS B 275 -31.45 -34.09 15.68
CA CYS B 275 -30.11 -34.67 15.49
C CYS B 275 -29.12 -34.22 16.52
N GLY B 276 -29.39 -33.04 17.06
CA GLY B 276 -28.53 -32.47 18.07
C GLY B 276 -28.47 -30.96 18.03
N TYR B 277 -27.33 -30.44 18.42
CA TYR B 277 -27.16 -29.02 18.59
C TYR B 277 -25.81 -28.58 18.06
N ARG B 278 -25.82 -27.43 17.41
CA ARG B 278 -24.61 -26.84 16.79
C ARG B 278 -24.10 -25.66 17.60
N ARG B 279 -22.80 -25.57 17.74
CA ARG B 279 -22.14 -24.45 18.45
C ARG B 279 -20.96 -23.92 17.63
N CYS B 280 -21.06 -24.07 16.33
CA CYS B 280 -20.05 -23.59 15.40
C CYS B 280 -20.70 -23.06 14.13
N ARG B 281 -19.88 -22.82 13.13
CA ARG B 281 -20.38 -22.27 11.87
C ARG B 281 -21.36 -23.18 11.15
N ALA B 282 -22.47 -22.58 10.73
CA ALA B 282 -23.44 -23.23 9.86
C ALA B 282 -22.99 -23.04 8.41
N SER B 283 -22.96 -24.14 7.68
CA SER B 283 -22.51 -24.18 6.28
C SER B 283 -23.44 -23.42 5.34
N GLY B 284 -24.72 -23.44 5.68
CA GLY B 284 -25.80 -23.05 4.73
C GLY B 284 -26.48 -21.73 5.05
N VAL B 285 -25.72 -20.82 5.65
CA VAL B 285 -26.24 -19.49 5.90
C VAL B 285 -25.54 -18.45 5.05
N LEU B 286 -26.17 -17.29 4.92
CA LEU B 286 -25.70 -16.26 4.00
C LEU B 286 -24.33 -15.73 4.40
N THR B 287 -24.05 -15.71 5.70
CA THR B 287 -22.81 -15.10 6.19
C THR B 287 -21.63 -16.06 6.23
N THR B 288 -21.84 -17.30 5.81
CA THR B 288 -20.79 -18.33 5.96
C THR B 288 -19.49 -17.95 5.28
N SER B 289 -19.60 -17.57 4.03
CA SER B 289 -18.43 -17.22 3.24
C SER B 289 -17.75 -15.99 3.80
N CYS B 290 -18.53 -14.94 4.02
CA CYS B 290 -18.01 -13.67 4.53
C CYS B 290 -17.36 -13.88 5.90
N GLY B 291 -18.09 -14.58 6.77
CA GLY B 291 -17.64 -14.83 8.13
C GLY B 291 -16.39 -15.67 8.21
N ASN B 292 -16.33 -16.71 7.38
CA ASN B 292 -15.17 -17.61 7.35
C ASN B 292 -13.94 -16.89 6.84
N THR B 293 -14.13 -16.07 5.83
CA THR B 293 -13.02 -15.29 5.26
C THR B 293 -12.50 -14.30 6.31
N LEU B 294 -13.41 -13.62 6.99
CA LEU B 294 -13.03 -12.65 8.02
C LEU B 294 -12.26 -13.30 9.18
N THR B 295 -12.82 -14.37 9.73
CA THR B 295 -12.22 -15.04 10.90
C THR B 295 -10.87 -15.63 10.55
N CYS B 296 -10.82 -16.26 9.38
CA CYS B 296 -9.56 -16.81 8.89
C CYS B 296 -8.50 -15.72 8.70
N TYR B 297 -8.90 -14.65 8.03
CA TYR B 297 -8.04 -13.49 7.81
C TYR B 297 -7.50 -12.90 9.12
N ILE B 298 -8.41 -12.71 10.07
CA ILE B 298 -8.04 -12.12 11.37
C ILE B 298 -7.02 -13.02 12.07
N LYS B 299 -7.34 -14.30 12.17
CA LYS B 299 -6.46 -15.27 12.83
C LYS B 299 -5.12 -15.34 12.11
N ALA B 300 -5.18 -15.39 10.79
CA ALA B 300 -3.98 -15.53 9.94
C ALA B 300 -3.07 -14.32 10.05
N ARG B 301 -3.68 -13.15 9.98
CA ARG B 301 -2.93 -11.91 10.02
C ARG B 301 -2.20 -11.75 11.37
N ALA B 302 -2.90 -12.10 12.43
CA ALA B 302 -2.34 -12.10 13.78
C ALA B 302 -1.27 -13.20 13.95
N ALA B 303 -1.52 -14.37 13.38
CA ALA B 303 -0.55 -15.48 13.47
C ALA B 303 0.73 -15.16 12.70
N CYS B 304 0.61 -14.40 11.59
CA CYS B 304 1.77 -13.96 10.79
C CYS B 304 2.73 -13.13 11.62
N ARG B 305 2.15 -12.25 12.42
CA ARG B 305 2.90 -11.39 13.34
C ARG B 305 3.60 -12.23 14.40
N ALA B 306 2.86 -13.12 15.04
CA ALA B 306 3.43 -14.04 16.04
C ALA B 306 4.57 -14.87 15.46
N ALA B 307 4.38 -15.28 14.20
CA ALA B 307 5.33 -16.10 13.46
C ALA B 307 6.58 -15.33 13.06
N GLY B 308 6.47 -14.00 13.10
CA GLY B 308 7.57 -13.14 12.72
C GLY B 308 7.86 -13.22 11.23
N LEU B 309 6.81 -13.44 10.45
CA LEU B 309 6.96 -13.48 8.99
C LEU B 309 7.20 -12.07 8.46
N GLN B 310 8.05 -11.97 7.45
CA GLN B 310 8.45 -10.67 6.92
C GLN B 310 7.76 -10.38 5.60
N ASP B 311 7.11 -9.22 5.53
CA ASP B 311 6.52 -8.72 4.30
C ASP B 311 5.45 -9.68 3.77
N CYS B 312 4.49 -9.98 4.64
CA CYS B 312 3.45 -10.95 4.34
C CYS B 312 2.39 -10.43 3.38
N THR B 313 2.18 -11.19 2.31
CA THR B 313 1.02 -11.02 1.47
C THR B 313 0.13 -12.26 1.61
N MET B 314 -1.14 -12.00 1.94
CA MET B 314 -2.12 -13.04 2.14
C MET B 314 -3.21 -13.03 1.09
N LEU B 315 -3.67 -14.22 0.76
CA LEU B 315 -4.85 -14.44 -0.06
C LEU B 315 -5.78 -15.42 0.64
N VAL B 316 -7.02 -14.98 0.83
CA VAL B 316 -7.98 -15.72 1.64
C VAL B 316 -9.28 -15.92 0.90
N TYR B 317 -9.68 -17.18 0.76
CA TYR B 317 -10.99 -17.54 0.23
C TYR B 317 -11.68 -18.47 1.21
N GLY B 318 -12.63 -17.94 1.98
CA GLY B 318 -13.22 -18.73 3.06
C GLY B 318 -12.13 -19.23 4.00
N ASP B 319 -12.04 -20.56 4.13
CA ASP B 319 -11.04 -21.17 5.01
C ASP B 319 -9.71 -21.41 4.31
N ASP B 320 -9.66 -21.06 3.03
CA ASP B 320 -8.49 -21.29 2.21
C ASP B 320 -7.53 -20.10 2.31
N LEU B 321 -6.33 -20.40 2.80
CA LEU B 321 -5.34 -19.37 3.08
C LEU B 321 -4.00 -19.65 2.40
N VAL B 322 -3.54 -18.67 1.64
CA VAL B 322 -2.19 -18.65 1.08
C VAL B 322 -1.48 -17.42 1.62
N VAL B 323 -0.24 -17.63 2.05
CA VAL B 323 0.64 -16.56 2.47
C VAL B 323 1.94 -16.60 1.68
N ILE B 324 2.31 -15.45 1.15
CA ILE B 324 3.58 -15.28 0.46
C ILE B 324 4.37 -14.22 1.19
N CYS B 325 5.64 -14.52 1.47
CA CYS B 325 6.49 -13.62 2.26
C CYS B 325 7.97 -13.60 1.84
N GLU B 326 8.70 -12.67 2.44
CA GLU B 326 10.14 -12.57 2.24
C GLU B 326 10.85 -13.66 3.05
N SER B 327 11.60 -14.52 2.37
CA SER B 327 12.28 -15.63 3.04
C SER B 327 13.40 -15.15 3.95
N ALA B 328 13.52 -15.84 5.08
CA ALA B 328 14.53 -15.53 6.09
C ALA B 328 15.67 -16.56 6.06
N GLY B 329 15.62 -17.46 5.10
CA GLY B 329 16.51 -18.64 5.06
C GLY B 329 15.71 -19.91 5.25
N VAL B 330 16.26 -21.04 4.83
CA VAL B 330 15.52 -22.31 4.84
C VAL B 330 15.10 -22.76 6.23
N GLN B 331 16.05 -22.74 7.17
CA GLN B 331 15.78 -23.18 8.54
C GLN B 331 14.90 -22.18 9.28
N GLU B 332 15.16 -20.92 8.99
CA GLU B 332 14.45 -19.79 9.62
C GLU B 332 12.98 -19.78 9.20
N ASP B 333 12.74 -20.12 7.93
CA ASP B 333 11.38 -20.19 7.40
C ASP B 333 10.60 -21.33 8.04
N ALA B 334 11.23 -22.49 8.13
CA ALA B 334 10.62 -23.68 8.71
C ALA B 334 10.19 -23.40 10.15
N ALA B 335 11.10 -22.77 10.89
CA ALA B 335 10.85 -22.33 12.27
C ALA B 335 9.66 -21.39 12.39
N SER B 336 9.62 -20.37 11.53
CA SER B 336 8.54 -19.39 11.59
C SER B 336 7.18 -19.98 11.21
N LEU B 337 7.21 -20.99 10.35
CA LEU B 337 6.00 -21.72 9.95
C LEU B 337 5.43 -22.56 11.10
N ARG B 338 6.31 -23.18 11.88
CA ARG B 338 5.90 -23.90 13.09
C ARG B 338 5.29 -22.95 14.12
N ALA B 339 5.83 -21.73 14.20
CA ALA B 339 5.33 -20.70 15.12
C ALA B 339 3.98 -20.16 14.65
N PHE B 340 3.83 -20.07 13.33
CA PHE B 340 2.56 -19.72 12.71
C PHE B 340 1.49 -20.73 13.09
N THR B 341 1.83 -22.00 12.95
CA THR B 341 0.90 -23.09 13.25
C THR B 341 0.48 -23.05 14.71
N GLU B 342 1.45 -22.83 15.59
CA GLU B 342 1.22 -22.69 17.04
C GLU B 342 0.24 -21.57 17.37
N ALA B 343 0.41 -20.43 16.70
CA ALA B 343 -0.47 -19.28 16.90
C ALA B 343 -1.88 -19.61 16.42
N MET B 344 -1.97 -20.18 15.23
CA MET B 344 -3.28 -20.52 14.64
C MET B 344 -4.01 -21.53 15.55
N THR B 345 -3.24 -22.46 16.11
CA THR B 345 -3.77 -23.49 17.00
C THR B 345 -4.39 -22.86 18.24
N ARG B 346 -3.67 -21.91 18.82
CA ARG B 346 -4.16 -21.18 20.00
C ARG B 346 -5.43 -20.43 19.65
N TYR B 347 -5.46 -19.89 18.44
CA TYR B 347 -6.63 -19.17 17.92
C TYR B 347 -7.73 -20.12 17.55
N SER B 348 -7.53 -21.38 17.90
CA SER B 348 -8.53 -22.43 17.74
C SER B 348 -8.55 -23.12 16.38
N ALA B 349 -7.61 -22.80 15.49
CA ALA B 349 -7.60 -23.37 14.13
C ALA B 349 -6.32 -24.14 13.79
N PRO B 350 -6.15 -25.35 14.36
CA PRO B 350 -4.98 -26.18 14.07
C PRO B 350 -5.06 -26.81 12.69
N PRO B 351 -3.90 -27.20 12.13
CA PRO B 351 -3.83 -27.70 10.77
C PRO B 351 -4.31 -29.13 10.62
N GLY B 352 -4.86 -29.42 9.46
CA GLY B 352 -5.11 -30.80 9.06
C GLY B 352 -3.78 -31.45 8.76
N ASP B 353 -3.03 -30.82 7.86
CA ASP B 353 -1.70 -31.27 7.46
C ASP B 353 -0.78 -30.08 7.68
N PRO B 354 0.40 -30.30 8.30
CA PRO B 354 1.25 -29.16 8.64
C PRO B 354 1.70 -28.43 7.39
N PRO B 355 1.66 -27.11 7.41
CA PRO B 355 2.07 -26.29 6.29
C PRO B 355 3.54 -26.45 5.96
N GLN B 356 3.85 -26.47 4.66
CA GLN B 356 5.22 -26.65 4.17
C GLN B 356 5.67 -25.46 3.31
N PRO B 357 6.89 -24.95 3.56
CA PRO B 357 7.40 -23.85 2.75
C PRO B 357 7.64 -24.24 1.30
N GLU B 358 7.21 -23.38 0.39
CA GLU B 358 7.41 -23.57 -1.05
C GLU B 358 8.22 -22.41 -1.62
N TYR B 359 9.20 -22.73 -2.45
CA TYR B 359 10.10 -21.73 -3.01
C TYR B 359 9.95 -21.64 -4.51
N ASP B 360 8.92 -22.29 -5.03
CA ASP B 360 8.54 -22.19 -6.46
C ASP B 360 7.10 -21.72 -6.59
N LEU B 361 6.86 -20.76 -7.46
CA LEU B 361 5.52 -20.21 -7.65
C LEU B 361 4.48 -21.24 -8.05
N GLU B 362 4.87 -22.13 -8.97
CA GLU B 362 3.95 -23.14 -9.52
C GLU B 362 3.34 -24.07 -8.43
N LEU B 363 4.04 -24.23 -7.31
CA LEU B 363 3.60 -25.10 -6.21
C LEU B 363 2.55 -24.47 -5.27
N ILE B 364 2.43 -23.16 -5.32
CA ILE B 364 1.55 -22.42 -4.40
C ILE B 364 0.08 -22.52 -4.78
N THR B 365 -0.68 -23.08 -3.85
CA THR B 365 -2.03 -23.57 -4.13
C THR B 365 -3.09 -22.79 -3.39
N SER B 366 -4.01 -22.22 -4.17
CA SER B 366 -5.10 -21.41 -3.67
C SER B 366 -6.41 -21.95 -4.18
N CYS B 367 -7.21 -22.54 -3.27
CA CYS B 367 -8.49 -23.20 -3.64
C CYS B 367 -8.28 -24.31 -4.66
N SER B 368 -7.24 -25.10 -4.43
CA SER B 368 -6.82 -26.21 -5.30
C SER B 368 -6.29 -25.76 -6.64
N SER B 369 -6.09 -24.46 -6.81
CA SER B 369 -5.56 -23.91 -8.04
C SER B 369 -4.14 -23.46 -7.85
N ASN B 370 -3.46 -23.29 -8.97
CA ASN B 370 -2.10 -22.81 -8.99
C ASN B 370 -1.78 -22.04 -10.27
N VAL B 371 -0.78 -21.17 -10.16
CA VAL B 371 -0.32 -20.42 -11.32
C VAL B 371 0.61 -21.32 -12.13
N SER B 372 0.48 -21.24 -13.44
CA SER B 372 1.37 -21.94 -14.34
C SER B 372 1.67 -21.09 -15.55
N VAL B 373 2.62 -21.55 -16.35
CA VAL B 373 3.15 -20.77 -17.45
C VAL B 373 2.99 -21.50 -18.76
N ALA B 374 2.41 -20.81 -19.73
CA ALA B 374 2.41 -21.26 -21.11
C ALA B 374 2.96 -20.12 -21.96
N HIS B 375 2.90 -20.30 -23.27
CA HIS B 375 3.34 -19.27 -24.20
C HIS B 375 2.30 -18.93 -25.24
N ASP B 376 2.29 -17.66 -25.67
CA ASP B 376 1.40 -17.20 -26.75
C ASP B 376 2.08 -17.39 -28.11
N GLY B 377 1.43 -16.87 -29.15
CA GLY B 377 1.94 -16.98 -30.52
C GLY B 377 3.39 -16.53 -30.69
N ALA B 378 3.72 -15.41 -30.05
CA ALA B 378 5.05 -14.79 -30.24
C ALA B 378 6.15 -15.47 -29.41
N GLY B 379 5.73 -16.39 -28.54
CA GLY B 379 6.62 -16.99 -27.55
C GLY B 379 6.73 -16.22 -26.24
N LYS B 380 5.83 -15.27 -26.04
CA LYS B 380 5.79 -14.51 -24.78
C LYS B 380 5.17 -15.37 -23.70
N ARG B 381 5.77 -15.30 -22.51
CA ARG B 381 5.33 -16.08 -21.35
C ARG B 381 3.99 -15.53 -20.85
N VAL B 382 3.03 -16.42 -20.71
CA VAL B 382 1.70 -16.06 -20.23
C VAL B 382 1.36 -16.91 -19.00
N TYR B 383 1.06 -16.21 -17.91
CA TYR B 383 0.64 -16.87 -16.70
C TYR B 383 -0.87 -17.09 -16.73
N TYR B 384 -1.29 -18.19 -16.12
CA TYR B 384 -2.70 -18.57 -16.13
C TYR B 384 -3.00 -19.53 -14.98
N LEU B 385 -4.25 -19.53 -14.56
CA LEU B 385 -4.69 -20.34 -13.44
C LEU B 385 -5.11 -21.71 -13.91
N THR B 386 -4.66 -22.71 -13.18
CA THR B 386 -4.94 -24.10 -13.48
C THR B 386 -5.15 -24.89 -12.19
N ARG B 387 -5.43 -26.17 -12.35
CA ARG B 387 -5.68 -27.06 -11.20
C ARG B 387 -5.63 -28.51 -11.67
N ASP B 388 -5.57 -29.44 -10.71
CA ASP B 388 -5.67 -30.86 -11.04
C ASP B 388 -7.06 -31.12 -11.61
N PRO B 389 -7.14 -31.75 -12.78
CA PRO B 389 -8.40 -31.85 -13.51
C PRO B 389 -9.30 -33.03 -13.13
N THR B 390 -8.82 -33.85 -12.21
CA THR B 390 -9.52 -35.08 -11.79
C THR B 390 -10.98 -34.83 -11.40
N THR B 391 -11.18 -33.93 -10.43
CA THR B 391 -12.52 -33.66 -9.90
C THR B 391 -13.43 -32.97 -10.94
N PRO B 392 -12.92 -31.96 -11.63
CA PRO B 392 -13.67 -31.38 -12.74
C PRO B 392 -14.11 -32.41 -13.77
N LEU B 393 -13.21 -33.32 -14.13
CA LEU B 393 -13.56 -34.36 -15.11
C LEU B 393 -14.60 -35.36 -14.56
N ALA B 394 -14.46 -35.74 -13.30
CA ALA B 394 -15.37 -36.70 -12.67
C ALA B 394 -16.78 -36.12 -12.57
N ARG B 395 -16.84 -34.85 -12.23
CA ARG B 395 -18.11 -34.13 -12.13
C ARG B 395 -18.71 -33.90 -13.53
N ALA B 396 -17.83 -33.59 -14.49
CA ALA B 396 -18.22 -33.40 -15.90
C ALA B 396 -18.89 -34.66 -16.48
N ALA B 397 -18.37 -35.83 -16.11
CA ALA B 397 -18.92 -37.11 -16.56
C ALA B 397 -20.29 -37.35 -15.93
N TRP B 398 -20.40 -37.05 -14.65
CA TRP B 398 -21.67 -37.22 -13.91
C TRP B 398 -22.75 -36.33 -14.43
N GLU B 399 -22.36 -35.10 -14.72
CA GLU B 399 -23.27 -34.08 -15.23
C GLU B 399 -23.70 -34.33 -16.68
N THR B 400 -22.95 -35.16 -17.40
CA THR B 400 -23.35 -35.64 -18.72
C THR B 400 -24.35 -36.79 -18.60
N ALA B 401 -24.13 -37.64 -17.60
CA ALA B 401 -24.97 -38.83 -17.37
C ALA B 401 -26.33 -38.47 -16.78
N ARG B 402 -26.34 -37.46 -15.92
CA ARG B 402 -27.55 -37.04 -15.20
C ARG B 402 -27.74 -35.54 -15.31
N HIS B 403 -28.99 -35.11 -15.44
CA HIS B 403 -29.30 -33.70 -15.45
C HIS B 403 -29.23 -33.18 -14.05
N THR B 404 -28.44 -32.13 -13.87
CA THR B 404 -28.23 -31.53 -12.55
C THR B 404 -28.66 -30.07 -12.60
N PRO B 405 -29.29 -29.57 -11.51
CA PRO B 405 -29.79 -28.19 -11.48
C PRO B 405 -28.69 -27.17 -11.76
N VAL B 406 -27.53 -27.39 -11.17
CA VAL B 406 -26.39 -26.51 -11.38
C VAL B 406 -25.27 -27.30 -12.04
N ASN B 407 -24.75 -26.74 -13.13
CA ASN B 407 -23.76 -27.39 -14.00
C ASN B 407 -22.32 -26.91 -13.76
N SER B 408 -21.60 -27.60 -12.87
CA SER B 408 -20.20 -27.22 -12.52
C SER B 408 -19.22 -27.17 -13.70
N TRP B 409 -19.49 -27.93 -14.76
CA TRP B 409 -18.60 -27.99 -15.92
C TRP B 409 -18.48 -26.67 -16.64
N LEU B 410 -19.59 -25.97 -16.77
CA LEU B 410 -19.62 -24.65 -17.39
C LEU B 410 -18.79 -23.67 -16.57
N GLY B 411 -18.93 -23.77 -15.25
CA GLY B 411 -18.13 -22.98 -14.31
C GLY B 411 -16.64 -23.20 -14.51
N ASN B 412 -16.26 -24.46 -14.65
CA ASN B 412 -14.85 -24.85 -14.83
C ASN B 412 -14.27 -24.38 -16.16
N ILE B 413 -15.07 -24.48 -17.22
CA ILE B 413 -14.61 -24.01 -18.52
C ILE B 413 -14.32 -22.51 -18.45
N ILE B 414 -15.22 -21.77 -17.83
CA ILE B 414 -15.07 -20.32 -17.67
C ILE B 414 -13.85 -20.00 -16.81
N MET B 415 -13.72 -20.72 -15.72
CA MET B 415 -12.63 -20.48 -14.75
C MET B 415 -11.28 -20.86 -15.33
N PHE B 416 -11.26 -22.00 -16.00
CA PHE B 416 -10.00 -22.60 -16.43
C PHE B 416 -9.82 -22.67 -17.94
N ALA B 417 -10.43 -21.71 -18.63
CA ALA B 417 -10.45 -21.66 -20.09
C ALA B 417 -9.08 -21.76 -20.78
N PRO B 418 -8.05 -21.08 -20.27
CA PRO B 418 -6.72 -21.15 -20.89
C PRO B 418 -5.99 -22.48 -20.71
N THR B 419 -6.53 -23.34 -19.85
CA THR B 419 -5.85 -24.61 -19.52
C THR B 419 -5.89 -25.62 -20.68
N LEU B 420 -4.87 -26.46 -20.69
CA LEU B 420 -4.73 -27.51 -21.68
C LEU B 420 -5.95 -28.42 -21.67
N TRP B 421 -6.30 -28.84 -20.45
CA TRP B 421 -7.38 -29.81 -20.25
C TRP B 421 -8.76 -29.26 -20.50
N ALA B 422 -8.98 -28.00 -20.14
CA ALA B 422 -10.30 -27.37 -20.33
C ALA B 422 -10.56 -27.12 -21.82
N ARG B 423 -9.52 -26.70 -22.54
CA ARG B 423 -9.66 -26.42 -23.97
C ARG B 423 -9.83 -27.69 -24.80
N MET B 424 -9.02 -28.70 -24.49
CA MET B 424 -8.96 -29.91 -25.33
C MET B 424 -10.05 -30.93 -25.00
N ILE B 425 -10.36 -31.05 -23.70
CA ILE B 425 -11.30 -32.07 -23.23
C ILE B 425 -12.70 -31.52 -22.92
N LEU B 426 -12.77 -30.60 -21.95
CA LEU B 426 -14.05 -30.06 -21.50
C LEU B 426 -14.82 -29.36 -22.64
N MET B 427 -14.15 -28.45 -23.32
CA MET B 427 -14.80 -27.70 -24.40
C MET B 427 -15.26 -28.65 -25.49
N THR B 428 -14.35 -29.48 -25.98
CA THR B 428 -14.67 -30.42 -27.04
C THR B 428 -15.86 -31.30 -26.64
N HIS B 429 -15.77 -31.87 -25.45
CA HIS B 429 -16.78 -32.79 -24.95
C HIS B 429 -18.16 -32.18 -24.87
N PHE B 430 -18.26 -31.05 -24.19
CA PHE B 430 -19.57 -30.46 -23.93
C PHE B 430 -20.22 -29.86 -25.18
N PHE B 431 -19.42 -29.22 -26.02
CA PHE B 431 -19.93 -28.75 -27.31
C PHE B 431 -20.39 -29.90 -28.20
N SER B 432 -19.74 -31.04 -28.06
CA SER B 432 -20.14 -32.24 -28.80
C SER B 432 -21.43 -32.83 -28.21
N VAL B 433 -21.59 -32.70 -26.89
CA VAL B 433 -22.77 -33.19 -26.18
C VAL B 433 -24.00 -32.32 -26.46
N LEU B 434 -23.79 -31.01 -26.46
CA LEU B 434 -24.84 -30.06 -26.74
C LEU B 434 -25.34 -30.21 -28.18
N ILE B 435 -24.40 -30.42 -29.11
CA ILE B 435 -24.73 -30.68 -30.52
C ILE B 435 -25.54 -31.96 -30.64
N ALA B 436 -25.05 -33.00 -29.95
CA ALA B 436 -25.71 -34.31 -29.94
C ALA B 436 -27.14 -34.25 -29.41
N ARG B 437 -27.36 -33.44 -28.39
CA ARG B 437 -28.66 -33.38 -27.73
C ARG B 437 -29.54 -32.22 -28.19
N ASP B 438 -29.04 -31.45 -29.16
CA ASP B 438 -29.78 -30.30 -29.72
C ASP B 438 -30.08 -29.27 -28.60
N GLN B 439 -29.08 -29.03 -27.75
CA GLN B 439 -29.20 -28.14 -26.58
C GLN B 439 -28.24 -26.97 -26.65
N LEU B 440 -27.75 -26.67 -27.85
CA LEU B 440 -26.68 -25.69 -28.00
C LEU B 440 -27.12 -24.27 -27.60
N GLU B 441 -28.39 -23.97 -27.81
CA GLU B 441 -28.93 -22.61 -27.57
C GLU B 441 -29.53 -22.40 -26.18
N GLN B 442 -29.61 -23.46 -25.38
CA GLN B 442 -30.28 -23.39 -24.06
C GLN B 442 -29.35 -22.85 -22.98
N ALA B 443 -29.90 -21.96 -22.17
CA ALA B 443 -29.17 -21.38 -21.05
C ALA B 443 -29.06 -22.38 -19.91
N LEU B 444 -27.91 -22.40 -19.24
CA LEU B 444 -27.69 -23.30 -18.12
C LEU B 444 -27.34 -22.56 -16.84
N ASP B 445 -27.68 -23.17 -15.71
CA ASP B 445 -27.31 -22.65 -14.41
C ASP B 445 -25.98 -23.25 -14.00
N CYS B 446 -25.04 -22.37 -13.66
CA CYS B 446 -23.76 -22.78 -13.12
C CYS B 446 -23.35 -21.83 -12.00
N GLU B 447 -22.49 -22.31 -11.11
CA GLU B 447 -22.08 -21.54 -9.95
C GLU B 447 -20.72 -20.90 -10.18
N ILE B 448 -20.64 -19.62 -9.84
CA ILE B 448 -19.38 -18.91 -9.78
C ILE B 448 -19.27 -18.25 -8.41
N TYR B 449 -18.26 -18.69 -7.67
CA TYR B 449 -18.00 -18.19 -6.32
C TYR B 449 -19.25 -18.32 -5.45
N GLY B 450 -19.98 -19.41 -5.66
CA GLY B 450 -21.13 -19.73 -4.83
C GLY B 450 -22.44 -19.12 -5.31
N ALA B 451 -22.36 -18.02 -6.04
CA ALA B 451 -23.56 -17.42 -6.64
C ALA B 451 -23.97 -18.18 -7.89
N CYS B 452 -25.25 -18.41 -8.02
CA CYS B 452 -25.80 -19.11 -9.17
C CYS B 452 -26.08 -18.15 -10.32
N TYR B 453 -25.65 -18.51 -11.52
CA TYR B 453 -25.83 -17.68 -12.73
C TYR B 453 -26.49 -18.44 -13.89
N SER B 454 -27.26 -17.74 -14.71
CA SER B 454 -27.78 -18.32 -15.96
C SER B 454 -26.87 -17.89 -17.12
N ILE B 455 -26.19 -18.86 -17.72
CA ILE B 455 -25.22 -18.59 -18.80
C ILE B 455 -25.49 -19.40 -20.06
N GLU B 456 -25.46 -18.73 -21.21
CA GLU B 456 -25.55 -19.39 -22.51
C GLU B 456 -24.17 -19.89 -22.99
N PRO B 457 -24.03 -21.20 -23.25
CA PRO B 457 -22.80 -21.76 -23.81
C PRO B 457 -22.26 -21.01 -25.03
N LEU B 458 -23.17 -20.56 -25.89
CA LEU B 458 -22.79 -19.86 -27.11
C LEU B 458 -22.07 -18.53 -26.87
N ASP B 459 -22.21 -18.00 -25.65
CA ASP B 459 -21.49 -16.77 -25.25
C ASP B 459 -20.11 -17.04 -24.66
N LEU B 460 -19.65 -18.27 -24.70
CA LEU B 460 -18.35 -18.64 -24.11
C LEU B 460 -17.15 -17.85 -24.66
N PRO B 461 -17.07 -17.68 -25.99
CA PRO B 461 -15.91 -16.95 -26.52
C PRO B 461 -15.74 -15.51 -26.00
N PRO B 462 -16.77 -14.65 -26.10
CA PRO B 462 -16.62 -13.30 -25.54
C PRO B 462 -16.38 -13.30 -24.04
N ILE B 463 -17.00 -14.23 -23.33
CA ILE B 463 -16.80 -14.33 -21.89
C ILE B 463 -15.34 -14.63 -21.57
N ILE B 464 -14.75 -15.51 -22.37
CA ILE B 464 -13.37 -15.94 -22.14
C ILE B 464 -12.38 -14.81 -22.45
N GLN B 465 -12.62 -14.10 -23.55
CA GLN B 465 -11.79 -12.97 -23.96
C GLN B 465 -11.73 -11.90 -22.88
N ARG B 466 -12.88 -11.63 -22.28
CA ARG B 466 -13.02 -10.59 -21.23
C ARG B 466 -12.29 -10.96 -19.96
N LEU B 467 -12.42 -12.22 -19.58
CA LEU B 467 -11.80 -12.72 -18.35
C LEU B 467 -10.32 -13.03 -18.53
N HIS B 468 -9.99 -13.61 -19.67
CA HIS B 468 -8.67 -14.22 -19.87
C HIS B 468 -7.81 -13.60 -20.93
N GLY B 469 -8.40 -12.77 -21.78
CA GLY B 469 -7.66 -12.17 -22.90
C GLY B 469 -7.66 -13.07 -24.13
N LEU B 470 -7.32 -12.49 -25.29
CA LEU B 470 -7.32 -13.20 -26.57
C LEU B 470 -6.31 -14.35 -26.60
N SER B 471 -5.29 -14.26 -25.75
CA SER B 471 -4.22 -15.27 -25.69
C SER B 471 -4.75 -16.66 -25.30
N ALA B 472 -5.84 -16.68 -24.55
CA ALA B 472 -6.48 -17.92 -24.09
C ALA B 472 -6.84 -18.90 -25.23
N PHE B 473 -7.00 -18.37 -26.43
CA PHE B 473 -7.28 -19.18 -27.61
C PHE B 473 -6.03 -19.60 -28.39
N SER B 474 -4.85 -19.17 -27.92
CA SER B 474 -3.56 -19.39 -28.63
C SER B 474 -2.42 -19.94 -27.77
N LEU B 475 -2.70 -20.35 -26.55
CA LEU B 475 -1.63 -20.84 -25.67
C LEU B 475 -1.07 -22.17 -26.15
N HIS B 476 0.25 -22.28 -26.12
CA HIS B 476 0.97 -23.52 -26.42
C HIS B 476 2.20 -23.65 -25.54
N SER B 477 2.94 -24.74 -25.70
CA SER B 477 4.14 -25.01 -24.87
C SER B 477 3.85 -24.78 -23.38
N TYR B 478 2.95 -25.62 -22.88
CA TYR B 478 2.65 -25.69 -21.46
C TYR B 478 3.83 -26.28 -20.71
N SER B 479 3.83 -26.16 -19.39
CA SER B 479 4.96 -26.62 -18.57
C SER B 479 4.95 -28.16 -18.44
N PRO B 480 6.13 -28.77 -18.22
CA PRO B 480 6.23 -30.22 -18.09
C PRO B 480 5.46 -30.77 -16.88
N GLY B 481 5.47 -30.01 -15.79
CA GLY B 481 4.73 -30.40 -14.60
C GLY B 481 3.25 -30.50 -14.89
N GLU B 482 2.75 -29.52 -15.63
CA GLU B 482 1.33 -29.40 -15.95
C GLU B 482 0.91 -30.49 -16.92
N ILE B 483 1.75 -30.73 -17.92
CA ILE B 483 1.49 -31.78 -18.91
C ILE B 483 1.43 -33.14 -18.23
N ASN B 484 2.39 -33.38 -17.35
CA ASN B 484 2.47 -34.65 -16.62
C ASN B 484 1.27 -34.88 -15.72
N ARG B 485 0.85 -33.83 -15.03
CA ARG B 485 -0.34 -33.90 -14.17
C ARG B 485 -1.62 -34.21 -14.97
N VAL B 486 -1.79 -33.58 -16.12
CA VAL B 486 -2.96 -33.87 -16.97
C VAL B 486 -2.86 -35.30 -17.50
N ALA B 487 -1.68 -35.66 -18.01
CA ALA B 487 -1.44 -37.03 -18.50
C ALA B 487 -1.82 -38.10 -17.47
N ALA B 488 -1.33 -37.91 -16.24
CA ALA B 488 -1.56 -38.85 -15.14
C ALA B 488 -3.04 -38.98 -14.84
N CYS B 489 -3.73 -37.85 -14.91
CA CYS B 489 -5.18 -37.80 -14.70
C CYS B 489 -5.96 -38.60 -15.76
N LEU B 490 -5.56 -38.43 -17.02
CA LEU B 490 -6.17 -39.20 -18.14
C LEU B 490 -6.02 -40.72 -17.98
N ARG B 491 -4.82 -41.14 -17.61
CA ARG B 491 -4.55 -42.57 -17.36
C ARG B 491 -5.42 -43.09 -16.22
N LYS B 492 -5.43 -42.38 -15.11
CA LYS B 492 -6.18 -42.77 -13.92
C LYS B 492 -7.67 -42.94 -14.21
N LEU B 493 -8.24 -41.99 -14.94
CA LEU B 493 -9.70 -41.93 -15.17
C LEU B 493 -10.19 -42.67 -16.41
N GLY B 494 -9.26 -43.12 -17.25
CA GLY B 494 -9.64 -43.79 -18.50
C GLY B 494 -10.28 -42.81 -19.47
N VAL B 495 -9.75 -41.59 -19.46
CA VAL B 495 -10.12 -40.54 -20.41
C VAL B 495 -9.26 -40.71 -21.65
N PRO B 496 -9.85 -40.57 -22.86
CA PRO B 496 -9.03 -40.69 -24.08
C PRO B 496 -7.88 -39.69 -24.12
N PRO B 497 -6.80 -40.05 -24.82
CA PRO B 497 -5.65 -39.14 -24.90
C PRO B 497 -5.92 -37.87 -25.71
N LEU B 498 -5.08 -36.88 -25.50
CA LEU B 498 -5.26 -35.53 -26.08
C LEU B 498 -5.40 -35.50 -27.60
N ARG B 499 -4.65 -36.34 -28.30
CA ARG B 499 -4.74 -36.40 -29.76
C ARG B 499 -6.11 -36.93 -30.22
N ALA B 500 -6.67 -37.85 -29.44
CA ALA B 500 -8.03 -38.33 -29.70
C ALA B 500 -9.03 -37.17 -29.64
N TRP B 501 -8.85 -36.32 -28.63
CA TRP B 501 -9.73 -35.16 -28.44
C TRP B 501 -9.56 -34.16 -29.53
N ARG B 502 -8.34 -34.00 -30.00
CA ARG B 502 -8.06 -33.13 -31.13
C ARG B 502 -8.89 -33.52 -32.34
N HIS B 503 -8.87 -34.81 -32.67
CA HIS B 503 -9.68 -35.35 -33.80
C HIS B 503 -11.15 -35.04 -33.67
N ARG B 504 -11.67 -35.23 -32.47
CA ARG B 504 -13.09 -34.99 -32.16
C ARG B 504 -13.41 -33.49 -32.27
N ALA B 505 -12.52 -32.68 -31.71
CA ALA B 505 -12.64 -31.21 -31.74
C ALA B 505 -12.71 -30.63 -33.17
N ARG B 506 -12.05 -31.29 -34.11
CA ARG B 506 -12.07 -30.87 -35.53
C ARG B 506 -13.46 -31.07 -36.10
N SER B 507 -14.10 -32.17 -35.70
CA SER B 507 -15.46 -32.51 -36.13
C SER B 507 -16.45 -31.51 -35.56
N VAL B 508 -16.38 -31.34 -34.24
CA VAL B 508 -17.20 -30.35 -33.55
C VAL B 508 -17.05 -28.96 -34.16
N ARG B 509 -15.81 -28.55 -34.37
CA ARG B 509 -15.48 -27.26 -34.96
C ARG B 509 -16.21 -27.05 -36.29
N ALA B 510 -16.12 -28.05 -37.16
CA ALA B 510 -16.76 -28.03 -38.48
C ALA B 510 -18.27 -27.85 -38.35
N ARG B 511 -18.90 -28.68 -37.53
CA ARG B 511 -20.35 -28.61 -37.27
C ARG B 511 -20.75 -27.24 -36.72
N LEU B 512 -19.90 -26.67 -35.86
CA LEU B 512 -20.15 -25.34 -35.28
C LEU B 512 -20.05 -24.21 -36.32
N LEU B 513 -19.03 -24.27 -37.17
CA LEU B 513 -18.83 -23.25 -38.21
C LEU B 513 -19.98 -23.19 -39.21
N SER B 514 -20.56 -24.34 -39.50
CA SER B 514 -21.65 -24.47 -40.48
C SER B 514 -23.00 -23.92 -39.98
N ARG B 515 -23.12 -23.73 -38.69
CA ARG B 515 -24.36 -23.20 -38.09
C ARG B 515 -24.39 -21.67 -38.12
N GLY B 516 -23.23 -21.07 -38.38
CA GLY B 516 -23.08 -19.60 -38.46
C GLY B 516 -23.21 -18.91 -37.11
N GLY B 517 -23.22 -17.58 -37.16
CA GLY B 517 -23.48 -16.76 -35.98
C GLY B 517 -22.59 -17.05 -34.79
N ARG B 518 -23.21 -17.11 -33.61
CA ARG B 518 -22.48 -17.29 -32.35
C ARG B 518 -21.81 -18.68 -32.29
N ALA B 519 -22.49 -19.68 -32.85
CA ALA B 519 -21.95 -21.03 -32.94
C ALA B 519 -20.68 -21.05 -33.78
N ALA B 520 -20.66 -20.24 -34.85
CA ALA B 520 -19.49 -20.14 -35.72
C ALA B 520 -18.29 -19.58 -34.98
N ILE B 521 -18.57 -18.61 -34.11
CA ILE B 521 -17.53 -17.93 -33.33
C ILE B 521 -16.96 -18.91 -32.30
N CYS B 522 -17.81 -19.78 -31.78
CA CYS B 522 -17.35 -20.85 -30.88
C CYS B 522 -16.39 -21.76 -31.60
N GLY B 523 -16.76 -22.18 -32.79
CA GLY B 523 -15.92 -23.06 -33.60
C GLY B 523 -14.59 -22.42 -33.95
N LYS B 524 -14.67 -21.14 -34.30
CA LYS B 524 -13.53 -20.37 -34.75
C LYS B 524 -12.50 -20.16 -33.63
N TYR B 525 -12.98 -19.67 -32.49
CA TYR B 525 -12.08 -19.24 -31.40
C TYR B 525 -11.75 -20.35 -30.39
N LEU B 526 -12.76 -21.13 -30.01
CA LEU B 526 -12.56 -22.18 -29.03
C LEU B 526 -11.73 -23.35 -29.58
N PHE B 527 -11.79 -23.58 -30.89
CA PHE B 527 -11.15 -24.75 -31.49
C PHE B 527 -10.11 -24.44 -32.56
N ASN B 528 -9.54 -23.23 -32.49
CA ASN B 528 -8.46 -22.85 -33.38
C ASN B 528 -7.22 -23.74 -33.17
N TRP B 529 -6.97 -24.12 -31.92
CA TRP B 529 -5.89 -25.06 -31.55
C TRP B 529 -5.96 -26.41 -32.24
N ALA B 530 -7.15 -26.81 -32.68
CA ALA B 530 -7.37 -28.15 -33.23
C ALA B 530 -7.05 -28.30 -34.73
N VAL B 531 -6.77 -27.20 -35.39
CA VAL B 531 -6.55 -27.19 -36.85
C VAL B 531 -5.12 -26.80 -37.22
N ARG B 532 -4.61 -27.43 -38.29
CA ARG B 532 -3.24 -27.14 -38.75
C ARG B 532 -3.14 -25.72 -39.29
N THR B 533 -4.13 -25.33 -40.10
CA THR B 533 -4.16 -23.99 -40.70
C THR B 533 -5.04 -23.05 -39.88
N LYS B 534 -4.38 -22.20 -39.11
CA LYS B 534 -5.02 -21.38 -38.07
C LYS B 534 -5.66 -20.11 -38.61
N LEU B 535 -6.92 -19.91 -38.26
CA LEU B 535 -7.62 -18.67 -38.61
C LEU B 535 -7.09 -17.51 -37.78
N LYS B 536 -7.40 -16.31 -38.24
CA LYS B 536 -7.01 -15.07 -37.56
C LYS B 536 -7.98 -14.73 -36.45
N LEU B 537 -7.53 -14.87 -35.22
CA LEU B 537 -8.33 -14.51 -34.07
C LEU B 537 -8.17 -13.05 -33.75
N THR B 538 -9.21 -12.28 -34.05
CA THR B 538 -9.27 -10.84 -33.79
C THR B 538 -10.29 -10.60 -32.69
N PRO B 539 -10.18 -9.45 -31.99
CA PRO B 539 -11.07 -9.24 -30.85
C PRO B 539 -12.53 -9.39 -31.23
N ILE B 540 -13.29 -10.06 -30.38
CA ILE B 540 -14.70 -10.31 -30.66
C ILE B 540 -15.51 -9.08 -30.24
N ALA B 541 -16.46 -8.72 -31.09
CA ALA B 541 -17.28 -7.52 -30.87
C ALA B 541 -18.16 -7.66 -29.63
N ALA B 542 -18.74 -8.84 -29.48
CA ALA B 542 -19.66 -9.14 -28.36
C ALA B 542 -19.01 -8.92 -26.99
N ALA B 543 -17.72 -9.23 -26.90
CA ALA B 543 -17.01 -9.24 -25.62
C ALA B 543 -17.05 -7.90 -24.93
N GLY B 544 -16.85 -6.84 -25.72
CA GLY B 544 -16.70 -5.49 -25.20
C GLY B 544 -17.93 -4.98 -24.51
N GLN B 545 -19.10 -5.33 -25.07
CA GLN B 545 -20.40 -4.85 -24.57
C GLN B 545 -21.11 -5.85 -23.65
N LEU B 546 -20.41 -6.91 -23.25
CA LEU B 546 -21.01 -7.91 -22.36
C LEU B 546 -21.02 -7.34 -20.94
N ALA B 547 -22.13 -7.60 -20.23
CA ALA B 547 -22.28 -7.14 -18.85
C ALA B 547 -21.79 -8.21 -17.87
N LEU B 548 -20.55 -8.07 -17.39
CA LEU B 548 -19.94 -9.07 -16.48
C LEU B 548 -19.74 -8.57 -15.05
N SER B 549 -20.35 -7.43 -14.75
CA SER B 549 -20.27 -6.81 -13.42
C SER B 549 -20.81 -7.77 -12.36
N GLY B 550 -20.03 -7.95 -11.29
CA GLY B 550 -20.48 -8.73 -10.15
C GLY B 550 -20.18 -10.21 -10.20
N TRP B 551 -19.59 -10.66 -11.30
CA TRP B 551 -19.26 -12.09 -11.44
C TRP B 551 -18.23 -12.54 -10.43
N PHE B 552 -17.24 -11.69 -10.22
CA PHE B 552 -16.17 -12.03 -9.29
C PHE B 552 -15.94 -10.90 -8.33
N THR B 553 -16.98 -10.61 -7.55
CA THR B 553 -16.95 -9.53 -6.57
C THR B 553 -16.94 -10.07 -5.15
N ALA B 554 -17.78 -11.08 -4.91
CA ALA B 554 -17.96 -11.65 -3.58
C ALA B 554 -18.18 -13.16 -3.58
N GLY B 555 -17.86 -13.77 -2.44
CA GLY B 555 -18.12 -15.19 -2.17
C GLY B 555 -19.49 -15.34 -1.56
N TYR B 556 -20.27 -16.25 -2.10
CA TYR B 556 -21.64 -16.52 -1.60
C TYR B 556 -21.93 -17.99 -1.28
N SER B 557 -20.87 -18.79 -1.17
CA SER B 557 -21.04 -20.24 -0.99
C SER B 557 -21.92 -20.51 0.23
N GLY B 558 -22.91 -21.39 0.06
CA GLY B 558 -23.88 -21.68 1.11
C GLY B 558 -25.04 -20.68 1.26
N GLY B 559 -24.90 -19.53 0.62
CA GLY B 559 -25.81 -18.40 0.77
C GLY B 559 -27.06 -18.34 -0.07
N ASP B 560 -27.27 -19.32 -0.95
CA ASP B 560 -28.54 -19.42 -1.67
C ASP B 560 -28.77 -18.15 -2.52
N ILE B 561 -27.78 -17.79 -3.32
CA ILE B 561 -27.81 -16.56 -4.13
C ILE B 561 -27.95 -16.81 -5.64
N TYR B 562 -28.86 -16.06 -6.25
CA TYR B 562 -29.10 -16.10 -7.69
C TYR B 562 -29.01 -14.71 -8.32
N HIS B 563 -28.14 -14.55 -9.32
CA HIS B 563 -27.96 -13.22 -9.96
C HIS B 563 -28.56 -13.14 -11.33
S SO4 C . 21.79 32.57 40.76
O1 SO4 C . 20.37 32.39 41.15
O2 SO4 C . 21.87 33.14 39.39
O3 SO4 C . 22.48 33.50 41.68
O4 SO4 C . 22.47 31.26 40.83
S SO4 D . 9.46 11.57 32.42
O1 SO4 D . 8.35 10.79 33.02
O2 SO4 D . 9.04 12.98 32.18
O3 SO4 D . 10.63 11.60 33.34
O4 SO4 D . 9.80 10.90 31.16
S SO4 E . 15.71 31.94 -6.41
O1 SO4 E . 14.95 30.66 -6.58
O2 SO4 E . 14.88 33.09 -6.84
O3 SO4 E . 16.12 32.06 -4.99
O4 SO4 E . 16.93 31.92 -7.25
C1 1PV F . 26.61 23.80 1.28
C3 1PV F . 26.10 23.58 3.67
C5 1PV F . 25.81 24.27 4.96
C6 1PV F . 26.46 25.44 5.60
C8 1PV F . 24.78 24.71 6.89
C9 1PV F . 23.91 24.67 7.95
C13 1PV F . 19.94 24.55 7.98
C15 1PV F . 19.03 25.71 6.06
C16 1PV F . 18.17 24.63 5.77
O19 1PV F . 16.25 25.91 4.44
C20 1PV F . 18.20 23.52 6.62
C22 1PV F . 19.07 23.49 7.72
C24 1PV F . 21.29 22.07 10.95
C27 1PV F . 22.80 22.78 6.90
C28 1PV F . 23.69 22.86 5.82
C29 1PV F . 24.67 23.84 5.84
C30 1PV F . 21.69 21.78 6.97
C31 1PV F . 21.68 20.55 6.05
C32 1PV F . 20.85 21.78 5.70
C33 1PV F . 27.66 26.24 5.29
C34 1PV F . 28.68 25.68 4.51
C35 1PV F . 29.86 26.39 4.30
C36 1PV F . 30.03 27.64 4.89
F37 1PV F . 31.16 28.34 4.68
C38 1PV F . 29.02 28.17 5.69
C39 1PV F . 27.84 27.46 5.90
O7 1PV F . 25.77 25.59 6.78
O4 1PV F . 26.10 22.36 3.62
N2 1PV F . 26.33 24.34 2.60
C10 1PV F . 22.91 23.70 7.96
N11 1PV F . 22.08 23.71 9.08
S23 1PV F . 22.54 22.93 10.32
O25 1PV F . 23.61 22.02 10.04
O26 1PV F . 23.02 23.88 11.29
C12 1PV F . 20.87 24.53 9.17
F21 1PV F . 17.40 22.46 6.38
B17 1PV F . 17.21 24.71 4.54
O18 1PV F . 17.51 23.93 3.25
C14 1PV F . 19.89 25.66 7.16
S SO4 G . 8.52 -13.23 -16.67
O1 SO4 G . 9.34 -14.24 -15.94
O2 SO4 G . 7.71 -13.84 -17.74
O3 SO4 G . 7.60 -12.59 -15.73
O4 SO4 G . 9.45 -12.21 -17.24
S SO4 H . 14.74 -23.62 -8.98
O1 SO4 H . 13.79 -24.72 -8.66
O2 SO4 H . 14.27 -22.31 -8.46
O3 SO4 H . 16.06 -23.88 -8.36
O4 SO4 H . 14.85 -23.51 -10.46
S SO4 I . -27.03 -16.58 -32.90
O1 SO4 I . -27.18 -17.26 -31.59
O2 SO4 I . -28.38 -16.50 -33.52
O3 SO4 I . -26.48 -15.21 -32.74
O4 SO4 I . -26.09 -17.34 -33.74
S SO4 J . -28.36 -39.36 -24.03
O1 SO4 J . -29.56 -39.09 -23.20
O2 SO4 J . -28.24 -38.31 -25.08
O3 SO4 J . -27.12 -39.36 -23.20
O4 SO4 J . -28.53 -40.69 -24.66
S SO4 K . -11.62 -31.09 6.65
O1 SO4 K . -12.04 -32.49 6.94
O2 SO4 K . -12.71 -30.12 6.96
O3 SO4 K . -10.44 -30.82 7.50
O4 SO4 K . -11.31 -30.95 5.21
S SO4 L . -30.43 -24.22 0.39
O1 SO4 L . -30.01 -25.50 1.02
O2 SO4 L . -31.58 -24.44 -0.52
O3 SO4 L . -30.81 -23.27 1.45
O4 SO4 L . -29.30 -23.61 -0.35
S SO4 M . -6.35 -28.34 -41.16
O1 SO4 M . -5.49 -29.17 -40.26
O2 SO4 M . -7.77 -28.41 -40.75
O3 SO4 M . -5.88 -26.93 -41.10
O4 SO4 M . -6.21 -28.85 -42.53
#